data_5KZH
#
_entry.id   5KZH
#
_cell.length_a   88.549
_cell.length_b   91.480
_cell.length_c   169.938
_cell.angle_alpha   90.00
_cell.angle_beta   90.00
_cell.angle_gamma   90.00
#
_symmetry.space_group_name_H-M   'P 21 21 21'
#
loop_
_entity.id
_entity.type
_entity.pdbx_description
1 polymer Beta-lactamase
2 non-polymer 'FORMIC ACID'
3 non-polymer 'ACETATE ION'
4 water water
#
_entity_poly.entity_id   1
_entity_poly.type   'polypeptide(L)'
_entity_poly.pdbx_seq_one_letter_code
;MNPNHSASKSDEKAEKIKNLFNEVHTTGVLVIQQGQTQQSYGNDLARASTEYVPASTF(KCX)MLNALIGLEHHKATTTE
VFKWDGQKRLFPEWEKDMTLGDAMKASAIPVYQDLARRIGLELMSKEVKRVGYGNADIGTQVDNFWLVGPLKITPQQEAQ
FAYKLANKTLPFSPKVQDEVQSMLFIEEKNGNKIYAKSGWGWDVDPQVGWLTGWVVQPQGNIVAFSLNLEMKKGIPSSVR
KEITYKSLEQLGIL
;
_entity_poly.pdbx_strand_id   A,B,C,D
#
loop_
_chem_comp.id
_chem_comp.type
_chem_comp.name
_chem_comp.formula
ACT non-polymer 'ACETATE ION' 'C2 H3 O2 -1'
FMT non-polymer 'FORMIC ACID' 'C H2 O2'
#
# COMPACT_ATOMS: atom_id res chain seq x y z
N ASP A 11 24.79 33.89 -5.23
CA ASP A 11 25.92 33.19 -5.90
C ASP A 11 27.21 33.16 -5.04
N GLU A 12 27.50 34.28 -4.37
CA GLU A 12 28.72 34.44 -3.53
C GLU A 12 28.70 33.54 -2.29
N LYS A 13 27.56 33.41 -1.62
CA LYS A 13 27.46 32.47 -0.50
C LYS A 13 27.77 31.05 -0.95
N ALA A 14 27.16 30.65 -2.06
CA ALA A 14 27.40 29.31 -2.60
C ALA A 14 28.88 29.09 -2.93
N GLU A 15 29.49 30.13 -3.53
CA GLU A 15 30.87 30.04 -3.97
C GLU A 15 31.78 29.87 -2.73
N LYS A 16 31.47 30.64 -1.70
CA LYS A 16 32.25 30.57 -0.48
C LYS A 16 32.18 29.20 0.20
N ILE A 17 30.98 28.65 0.24
CA ILE A 17 30.81 27.36 0.86
C ILE A 17 31.45 26.24 0.06
N LYS A 18 31.38 26.31 -1.27
CA LYS A 18 32.14 25.41 -2.11
C LYS A 18 33.60 25.34 -1.66
N ASN A 19 34.19 26.52 -1.47
CA ASN A 19 35.60 26.60 -1.14
C ASN A 19 35.93 26.04 0.25
N LEU A 20 34.99 26.09 1.17
CA LEU A 20 35.20 25.46 2.47
C LEU A 20 35.45 23.98 2.36
N PHE A 21 34.71 23.31 1.47
CA PHE A 21 34.98 21.92 1.21
C PHE A 21 36.30 21.71 0.50
N ASN A 22 36.59 22.57 -0.48
CA ASN A 22 37.86 22.41 -1.19
C ASN A 22 39.04 22.54 -0.25
N GLU A 23 38.94 23.44 0.74
CA GLU A 23 40.03 23.71 1.64
C GLU A 23 40.37 22.52 2.52
N VAL A 24 39.40 21.62 2.77
CA VAL A 24 39.67 20.40 3.51
C VAL A 24 39.99 19.17 2.63
N HIS A 25 40.05 19.39 1.33
CA HIS A 25 40.48 18.37 0.37
C HIS A 25 39.60 17.13 0.41
N THR A 26 38.31 17.37 0.46
CA THR A 26 37.38 16.31 0.14
C THR A 26 36.18 16.87 -0.62
N THR A 27 35.19 16.00 -0.87
CA THR A 27 33.98 16.45 -1.50
C THR A 27 32.80 16.28 -0.56
N GLY A 28 31.90 17.25 -0.63
CA GLY A 28 30.77 17.28 0.28
C GLY A 28 29.70 18.26 -0.14
N VAL A 29 28.61 18.22 0.62
CA VAL A 29 27.44 19.02 0.38
C VAL A 29 26.88 19.41 1.74
N LEU A 30 26.23 20.55 1.77
CA LEU A 30 25.43 21.04 2.91
C LEU A 30 24.06 21.37 2.40
N VAL A 31 23.04 20.68 2.94
CA VAL A 31 21.68 20.98 2.56
C VAL A 31 21.08 21.78 3.67
N ILE A 32 20.40 22.86 3.32
CA ILE A 32 19.70 23.73 4.25
C ILE A 32 18.21 23.69 3.98
N GLN A 33 17.41 23.59 5.03
CA GLN A 33 15.94 23.68 4.86
C GLN A 33 15.36 24.67 5.80
N GLN A 34 14.64 25.63 5.24
CA GLN A 34 13.77 26.57 5.93
C GLN A 34 12.44 26.41 5.14
N GLY A 35 11.41 26.32 5.85
CA GLY A 35 10.12 26.11 5.23
C GLY A 35 10.17 24.83 4.40
N GLN A 36 9.52 24.87 3.26
CA GLN A 36 9.33 23.66 2.49
C GLN A 36 10.31 23.59 1.34
N THR A 37 11.26 24.51 1.24
CA THR A 37 12.25 24.36 0.17
C THR A 37 13.61 24.10 0.81
N GLN A 38 14.47 23.51 0.00
CA GLN A 38 15.84 23.24 0.38
C GLN A 38 16.80 23.90 -0.56
N GLN A 39 17.97 24.25 -0.03
CA GLN A 39 19.09 24.74 -0.86
C GLN A 39 20.30 23.88 -0.57
N SER A 40 21.07 23.54 -1.59
CA SER A 40 22.29 22.72 -1.46
C SER A 40 23.49 23.60 -1.77
N TYR A 41 24.53 23.41 -0.99
CA TYR A 41 25.81 24.12 -1.16
C TYR A 41 26.94 23.14 -1.07
N GLY A 42 28.11 23.48 -1.59
CA GLY A 42 29.26 22.66 -1.47
C GLY A 42 30.01 22.44 -2.77
N ASN A 43 30.98 21.52 -2.75
CA ASN A 43 31.75 21.27 -3.95
C ASN A 43 31.37 20.02 -4.70
N ASP A 44 30.37 19.29 -4.20
CA ASP A 44 29.77 18.21 -4.99
C ASP A 44 28.27 18.11 -4.72
N LEU A 45 27.52 18.92 -5.44
CA LEU A 45 26.12 19.09 -5.16
C LEU A 45 25.33 17.79 -5.42
N ALA A 46 25.84 16.91 -6.30
CA ALA A 46 25.18 15.66 -6.58
C ALA A 46 25.07 14.76 -5.33
N ARG A 47 25.91 14.99 -4.35
CA ARG A 47 25.78 14.25 -3.08
C ARG A 47 24.44 14.49 -2.39
N ALA A 48 23.83 15.64 -2.61
CA ALA A 48 22.59 15.95 -1.92
C ALA A 48 21.49 14.94 -2.16
N SER A 49 21.46 14.36 -3.36
CA SER A 49 20.44 13.41 -3.72
C SER A 49 21.03 12.01 -3.90
N THR A 50 22.18 11.76 -3.28
CA THR A 50 22.81 10.45 -3.30
C THR A 50 22.54 9.78 -1.94
N GLU A 51 22.28 8.49 -1.97
CA GLU A 51 22.05 7.70 -0.75
C GLU A 51 23.36 7.26 -0.11
N TYR A 52 23.41 7.39 1.22
CA TYR A 52 24.54 6.91 2.01
C TYR A 52 24.01 6.22 3.28
N VAL A 53 24.83 5.40 3.90
CA VAL A 53 24.44 4.84 5.17
C VAL A 53 24.31 6.02 6.15
N PRO A 54 23.34 5.94 7.09
CA PRO A 54 23.17 7.07 8.02
C PRO A 54 24.19 7.08 9.14
N ALA A 55 24.74 5.92 9.44
CA ALA A 55 25.58 5.76 10.61
C ALA A 55 24.86 6.29 11.85
N SER A 56 25.52 6.98 12.78
CA SER A 56 24.88 7.37 13.99
C SER A 56 23.84 8.49 13.87
N THR A 57 23.65 9.05 12.67
CA THR A 57 22.50 9.90 12.47
C THR A 57 21.20 9.11 12.68
N PHE A 58 21.24 7.81 12.47
CA PHE A 58 20.05 6.97 12.67
C PHE A 58 19.62 6.90 14.13
N KCX A 59 20.52 7.26 15.06
CA KCX A 59 20.17 7.22 16.48
CB KCX A 59 21.33 7.65 17.41
CG KCX A 59 22.47 6.65 17.43
CD KCX A 59 23.54 7.03 18.50
CE KCX A 59 24.50 5.85 18.85
NZ KCX A 59 25.14 5.38 17.66
C KCX A 59 18.95 8.09 16.75
O KCX A 59 18.19 7.83 17.65
CX KCX A 59 24.63 4.52 16.72
OQ1 KCX A 59 25.15 4.26 15.68
OQ2 KCX A 59 23.66 3.66 16.87
N MET A 60 18.79 9.19 16.02
CA MET A 60 17.65 10.05 16.20
CA MET A 60 17.65 10.07 16.16
C MET A 60 16.35 9.26 16.04
N LEU A 61 16.25 8.49 14.96
CA LEU A 61 15.04 7.71 14.71
C LEU A 61 14.91 6.50 15.62
N ASN A 62 16.04 5.83 15.88
CA ASN A 62 16.06 4.71 16.80
C ASN A 62 15.47 5.16 18.14
N ALA A 63 15.94 6.31 18.65
CA ALA A 63 15.42 6.81 19.94
C ALA A 63 13.91 7.12 19.87
N LEU A 64 13.47 7.77 18.81
CA LEU A 64 12.04 8.04 18.68
C LEU A 64 11.20 6.76 18.72
N ILE A 65 11.62 5.74 17.97
CA ILE A 65 10.89 4.49 17.92
C ILE A 65 10.89 3.84 19.30
N GLY A 66 12.08 3.79 19.91
CA GLY A 66 12.21 3.11 21.19
C GLY A 66 11.39 3.78 22.26
N LEU A 67 11.44 5.09 22.36
CA LEU A 67 10.63 5.81 23.32
C LEU A 67 9.13 5.65 23.05
N GLU A 68 8.73 5.83 21.79
CA GLU A 68 7.32 5.77 21.51
C GLU A 68 6.72 4.42 21.88
N HIS A 69 7.46 3.35 21.58
CA HIS A 69 7.00 1.99 21.79
C HIS A 69 7.41 1.39 23.15
N HIS A 70 7.79 2.26 24.09
CA HIS A 70 8.04 1.85 25.48
C HIS A 70 9.11 0.79 25.56
N LYS A 71 10.10 0.88 24.69
CA LYS A 71 11.29 0.02 24.75
C LYS A 71 12.44 0.70 25.45
N ALA A 72 12.21 1.95 25.85
CA ALA A 72 13.19 2.74 26.60
C ALA A 72 12.44 3.87 27.30
N THR A 73 13.08 4.40 28.33
CA THR A 73 12.74 5.66 28.90
C THR A 73 13.96 6.59 28.83
N THR A 74 13.77 7.87 29.13
CA THR A 74 14.88 8.79 29.10
C THR A 74 15.75 8.76 30.33
N THR A 75 15.31 8.10 31.39
CA THR A 75 16.05 8.06 32.65
C THR A 75 16.71 6.72 32.93
N GLU A 76 16.27 5.65 32.28
CA GLU A 76 16.93 4.34 32.52
C GLU A 76 18.38 4.35 32.10
N VAL A 77 19.19 3.52 32.75
CA VAL A 77 20.55 3.27 32.26
C VAL A 77 20.60 1.95 31.52
N PHE A 78 21.21 2.05 30.34
CA PHE A 78 21.63 0.89 29.54
C PHE A 78 22.98 0.47 30.05
N LYS A 79 23.00 -0.72 30.65
CA LYS A 79 24.17 -1.14 31.41
CA LYS A 79 24.17 -1.14 31.41
C LYS A 79 25.22 -1.80 30.53
N TRP A 80 26.46 -1.50 30.85
CA TRP A 80 27.57 -2.21 30.24
C TRP A 80 27.72 -3.59 30.85
N ASP A 81 27.78 -4.57 29.95
CA ASP A 81 27.86 -5.96 30.40
C ASP A 81 29.29 -6.45 30.66
N GLY A 82 30.26 -5.57 30.48
CA GLY A 82 31.66 -5.94 30.61
C GLY A 82 32.40 -6.48 29.41
N GLN A 83 31.67 -6.70 28.31
CA GLN A 83 32.32 -7.05 27.02
C GLN A 83 33.03 -5.88 26.40
N LYS A 84 34.23 -6.11 25.87
CA LYS A 84 35.03 -5.02 25.31
C LYS A 84 34.19 -4.24 24.28
N ARG A 85 34.19 -2.92 24.41
CA ARG A 85 33.59 -2.04 23.41
C ARG A 85 34.69 -1.35 22.61
N LEU A 86 34.28 -0.66 21.55
CA LEU A 86 35.20 -0.16 20.57
C LEU A 86 36.10 0.94 21.16
N PHE A 87 35.55 1.67 22.11
CA PHE A 87 36.26 2.75 22.79
C PHE A 87 36.06 2.57 24.29
N PRO A 88 37.10 2.85 25.10
CA PRO A 88 36.96 2.68 26.56
C PRO A 88 35.98 3.66 27.17
N GLU A 89 35.80 4.81 26.54
CA GLU A 89 34.81 5.80 26.96
C GLU A 89 33.37 5.24 26.98
N TRP A 90 33.13 4.19 26.21
CA TRP A 90 31.80 3.60 26.10
C TRP A 90 31.58 2.53 27.16
N GLU A 91 32.60 2.17 27.91
CA GLU A 91 32.50 1.00 28.80
C GLU A 91 32.02 1.45 30.17
N LYS A 92 30.76 1.87 30.18
CA LYS A 92 30.10 2.37 31.38
C LYS A 92 28.60 2.36 31.11
N ASP A 93 27.82 2.49 32.17
CA ASP A 93 26.39 2.57 32.05
C ASP A 93 26.03 3.95 31.49
N MET A 94 24.99 4.01 30.68
CA MET A 94 24.62 5.25 29.99
C MET A 94 23.12 5.33 29.83
N THR A 95 22.58 6.53 29.95
CA THR A 95 21.21 6.78 29.45
C THR A 95 21.20 6.90 27.94
N LEU A 96 20.00 6.87 27.33
CA LEU A 96 19.91 7.10 25.88
C LEU A 96 20.50 8.45 25.47
N GLY A 97 20.30 9.47 26.30
CA GLY A 97 20.87 10.78 26.02
C GLY A 97 22.40 10.82 26.13
N ASP A 98 22.94 10.17 27.16
CA ASP A 98 24.38 10.07 27.29
C ASP A 98 24.94 9.36 26.03
N ALA A 99 24.28 8.27 25.66
CA ALA A 99 24.76 7.50 24.53
C ALA A 99 24.61 8.24 23.18
N MET A 100 23.58 9.07 23.07
CA MET A 100 23.44 9.95 21.94
C MET A 100 24.65 10.85 21.79
N LYS A 101 24.98 11.55 22.88
CA LYS A 101 26.10 12.49 22.88
C LYS A 101 27.40 11.77 22.57
N ALA A 102 27.55 10.56 23.11
CA ALA A 102 28.78 9.77 22.94
C ALA A 102 28.81 8.96 21.64
N SER A 103 27.74 9.03 20.84
CA SER A 103 27.56 8.12 19.71
CA SER A 103 27.58 8.14 19.70
C SER A 103 27.91 6.69 20.06
N ALA A 104 27.38 6.23 21.21
CA ALA A 104 27.72 4.92 21.71
C ALA A 104 26.93 3.83 21.06
N ILE A 105 27.50 3.31 19.98
CA ILE A 105 26.84 2.32 19.13
C ILE A 105 26.24 1.16 19.91
N PRO A 106 26.97 0.59 20.86
CA PRO A 106 26.39 -0.61 21.52
C PRO A 106 25.12 -0.38 22.31
N VAL A 107 24.97 0.78 22.92
CA VAL A 107 23.74 1.09 23.59
C VAL A 107 22.56 1.08 22.62
N TYR A 108 22.76 1.69 21.47
CA TYR A 108 21.73 1.75 20.48
C TYR A 108 21.51 0.42 19.74
N GLN A 109 22.53 -0.44 19.71
CA GLN A 109 22.32 -1.82 19.33
C GLN A 109 21.40 -2.56 20.31
N ASP A 110 21.64 -2.35 21.59
CA ASP A 110 20.74 -2.94 22.59
C ASP A 110 19.30 -2.44 22.39
N LEU A 111 19.16 -1.13 22.13
CA LEU A 111 17.83 -0.59 21.90
C LEU A 111 17.18 -1.23 20.67
N ALA A 112 17.94 -1.31 19.59
CA ALA A 112 17.45 -1.93 18.39
C ALA A 112 16.94 -3.34 18.60
N ARG A 113 17.70 -4.11 19.39
CA ARG A 113 17.29 -5.46 19.70
CA ARG A 113 17.29 -5.46 19.70
C ARG A 113 16.03 -5.52 20.55
N ARG A 114 15.86 -4.56 21.46
CA ARG A 114 14.60 -4.45 22.18
C ARG A 114 13.39 -4.21 21.27
N ILE A 115 13.59 -3.30 20.31
CA ILE A 115 12.56 -3.00 19.34
C ILE A 115 12.23 -4.23 18.50
N GLY A 116 13.29 -4.91 18.01
CA GLY A 116 13.15 -6.09 17.20
C GLY A 116 12.97 -5.81 15.73
N LEU A 117 13.30 -6.79 14.90
CA LEU A 117 13.33 -6.58 13.46
C LEU A 117 11.94 -6.20 12.91
N GLU A 118 10.88 -6.87 13.37
CA GLU A 118 9.57 -6.65 12.80
C GLU A 118 9.08 -5.23 13.05
N LEU A 119 9.16 -4.80 14.31
CA LEU A 119 8.73 -3.45 14.66
C LEU A 119 9.63 -2.40 14.01
N MET A 120 10.94 -2.63 14.04
CA MET A 120 11.83 -1.70 13.42
C MET A 120 11.53 -1.50 11.96
N SER A 121 11.34 -2.61 11.24
CA SER A 121 11.08 -2.52 9.81
CA SER A 121 11.09 -2.52 9.81
CA SER A 121 11.09 -2.54 9.81
C SER A 121 9.78 -1.79 9.56
N LYS A 122 8.73 -2.12 10.33
N LYS A 122 8.73 -2.13 10.33
CA LYS A 122 7.44 -1.47 10.18
CA LYS A 122 7.44 -1.47 10.20
C LYS A 122 7.56 0.02 10.40
C LYS A 122 7.57 0.02 10.40
N GLU A 123 8.33 0.44 11.41
CA GLU A 123 8.37 1.85 11.79
C GLU A 123 9.23 2.65 10.81
N VAL A 124 10.37 2.10 10.40
CA VAL A 124 11.18 2.76 9.43
C VAL A 124 10.41 2.98 8.13
N LYS A 125 9.63 1.97 7.72
N LYS A 125 9.62 1.97 7.73
CA LYS A 125 8.78 2.13 6.55
CA LYS A 125 8.76 2.12 6.56
C LYS A 125 7.67 3.15 6.81
C LYS A 125 7.66 3.14 6.80
N ARG A 126 7.03 3.07 7.96
CA ARG A 126 5.94 3.98 8.29
C ARG A 126 6.34 5.43 8.10
N VAL A 127 7.52 5.74 8.65
CA VAL A 127 8.03 7.09 8.58
C VAL A 127 8.71 7.46 7.29
N GLY A 128 8.92 6.46 6.45
CA GLY A 128 9.60 6.69 5.17
C GLY A 128 11.02 7.18 5.28
N TYR A 129 11.79 6.58 6.17
CA TYR A 129 13.15 7.07 6.41
C TYR A 129 14.11 6.48 5.37
N GLY A 130 14.66 7.35 4.53
CA GLY A 130 15.60 6.91 3.52
C GLY A 130 14.97 5.89 2.58
N ASN A 131 15.67 4.79 2.33
CA ASN A 131 15.11 3.72 1.54
C ASN A 131 14.25 2.72 2.35
N ALA A 132 14.17 3.00 3.64
CA ALA A 132 13.40 2.19 4.58
C ALA A 132 13.68 0.69 4.51
N ASP A 133 14.91 0.33 4.18
CA ASP A 133 15.30 -1.05 3.96
C ASP A 133 16.30 -1.42 5.05
N ILE A 134 15.85 -2.23 6.01
CA ILE A 134 16.72 -2.61 7.12
C ILE A 134 17.28 -4.01 7.01
N GLY A 135 16.81 -4.78 6.04
CA GLY A 135 17.36 -6.11 5.89
C GLY A 135 17.01 -7.02 7.03
N THR A 136 17.90 -7.98 7.29
CA THR A 136 17.60 -9.05 8.23
C THR A 136 18.35 -8.95 9.56
N GLN A 137 19.27 -7.99 9.67
CA GLN A 137 20.13 -7.86 10.83
CA GLN A 137 20.13 -7.87 10.84
C GLN A 137 19.81 -6.59 11.61
N VAL A 138 19.08 -6.75 12.71
CA VAL A 138 18.48 -5.61 13.43
C VAL A 138 19.50 -4.75 14.12
N ASP A 139 20.70 -5.25 14.33
N ASP A 139 20.70 -5.25 14.33
CA ASP A 139 21.69 -4.50 15.08
CA ASP A 139 21.68 -4.47 15.09
C ASP A 139 22.84 -3.86 14.29
C ASP A 139 22.84 -3.86 14.29
N ASN A 140 22.77 -3.80 12.96
CA ASN A 140 23.81 -3.05 12.23
C ASN A 140 23.40 -2.49 10.88
N PHE A 141 22.11 -2.45 10.65
CA PHE A 141 21.64 -2.06 9.34
C PHE A 141 21.93 -0.59 9.01
N TRP A 142 22.15 0.25 10.02
CA TRP A 142 22.42 1.65 9.84
C TRP A 142 23.88 1.98 9.66
N LEU A 143 24.74 0.97 9.84
CA LEU A 143 26.17 1.14 9.81
C LEU A 143 26.77 0.66 8.49
N VAL A 144 26.30 -0.48 8.03
CA VAL A 144 26.85 -1.13 6.89
C VAL A 144 25.88 -1.34 5.76
N GLY A 145 24.69 -0.77 5.87
CA GLY A 145 23.64 -1.07 4.91
C GLY A 145 22.80 -2.21 5.43
N PRO A 146 21.61 -2.39 4.87
CA PRO A 146 21.19 -1.82 3.60
C PRO A 146 20.51 -0.47 3.71
N LEU A 147 20.30 0.04 4.93
CA LEU A 147 19.58 1.30 5.06
C LEU A 147 20.43 2.45 4.59
N LYS A 148 19.86 3.25 3.67
CA LYS A 148 20.54 4.41 3.15
C LYS A 148 19.59 5.59 3.08
N ILE A 149 20.16 6.80 3.10
CA ILE A 149 19.38 8.03 3.13
C ILE A 149 20.17 9.11 2.44
N THR A 150 19.49 10.06 1.80
CA THR A 150 20.18 11.17 1.17
C THR A 150 20.33 12.34 2.15
N PRO A 151 21.25 13.25 1.84
CA PRO A 151 21.32 14.45 2.66
C PRO A 151 20.04 15.30 2.61
N GLN A 152 19.38 15.38 1.45
CA GLN A 152 18.10 16.09 1.38
C GLN A 152 17.06 15.43 2.32
N GLN A 153 17.05 14.11 2.37
N GLN A 153 17.05 14.10 2.37
CA GLN A 153 16.13 13.41 3.28
CA GLN A 153 16.12 13.40 3.26
C GLN A 153 16.50 13.66 4.73
C GLN A 153 16.49 13.65 4.73
N GLU A 154 17.78 13.67 5.03
CA GLU A 154 18.21 13.95 6.40
C GLU A 154 17.83 15.34 6.85
N ALA A 155 18.02 16.34 5.96
CA ALA A 155 17.66 17.70 6.35
C ALA A 155 16.18 17.83 6.57
N GLN A 156 15.39 17.14 5.75
CA GLN A 156 13.94 17.14 5.95
C GLN A 156 13.56 16.47 7.26
N PHE A 157 14.19 15.36 7.57
CA PHE A 157 13.97 14.67 8.84
C PHE A 157 14.23 15.59 10.02
N ALA A 158 15.38 16.27 9.96
CA ALA A 158 15.73 17.18 11.02
C ALA A 158 14.73 18.34 11.11
N TYR A 159 14.32 18.88 9.98
CA TYR A 159 13.35 19.97 10.01
C TYR A 159 12.02 19.54 10.67
N LYS A 160 11.56 18.34 10.34
CA LYS A 160 10.34 17.87 10.94
C LYS A 160 10.54 17.58 12.43
N LEU A 161 11.68 17.03 12.80
CA LEU A 161 11.91 16.82 14.24
C LEU A 161 11.89 18.15 15.00
N ALA A 162 12.56 19.15 14.43
CA ALA A 162 12.63 20.48 15.03
C ALA A 162 11.25 21.09 15.23
N ASN A 163 10.37 20.86 14.25
CA ASN A 163 9.01 21.35 14.32
C ASN A 163 8.00 20.42 14.99
N LYS A 164 8.49 19.28 15.44
CA LYS A 164 7.63 18.26 16.01
C LYS A 164 6.55 17.77 15.10
N THR A 165 6.89 17.62 13.83
CA THR A 165 5.97 17.10 12.85
C THR A 165 6.32 15.72 12.31
N LEU A 166 7.37 15.09 12.89
CA LEU A 166 7.58 13.67 12.55
C LEU A 166 6.43 12.85 13.12
N PRO A 167 6.22 11.62 12.60
CA PRO A 167 5.03 10.85 12.98
C PRO A 167 5.16 10.12 14.29
N PHE A 168 5.35 10.93 15.35
CA PHE A 168 5.51 10.49 16.74
C PHE A 168 4.84 11.51 17.62
N SER A 169 4.54 11.09 18.85
CA SER A 169 4.03 12.02 19.81
C SER A 169 4.95 13.22 20.03
N PRO A 170 4.36 14.37 20.35
CA PRO A 170 5.20 15.53 20.58
C PRO A 170 6.09 15.36 21.83
N LYS A 171 5.61 14.64 22.84
CA LYS A 171 6.46 14.33 23.98
C LYS A 171 7.74 13.61 23.61
N VAL A 172 7.61 12.57 22.81
CA VAL A 172 8.79 11.80 22.41
C VAL A 172 9.71 12.65 21.56
N GLN A 173 9.13 13.44 20.67
CA GLN A 173 9.98 14.33 19.86
C GLN A 173 10.71 15.37 20.71
N ASP A 174 10.04 15.90 21.71
CA ASP A 174 10.73 16.83 22.63
CA ASP A 174 10.72 16.84 22.64
C ASP A 174 11.87 16.15 23.36
N GLU A 175 11.63 14.91 23.80
CA GLU A 175 12.67 14.16 24.49
C GLU A 175 13.90 13.94 23.63
N VAL A 176 13.69 13.59 22.37
CA VAL A 176 14.81 13.38 21.45
C VAL A 176 15.51 14.71 21.15
N GLN A 177 14.73 15.77 20.95
CA GLN A 177 15.35 17.09 20.78
C GLN A 177 16.33 17.39 21.93
N SER A 178 15.91 17.10 23.18
CA SER A 178 16.77 17.45 24.30
CA SER A 178 16.77 17.44 24.31
C SER A 178 18.10 16.68 24.22
N MET A 179 18.04 15.45 23.74
CA MET A 179 19.24 14.64 23.58
C MET A 179 20.24 15.21 22.61
N LEU A 180 19.74 16.02 21.70
CA LEU A 180 20.48 16.53 20.55
C LEU A 180 21.02 17.93 20.77
N PHE A 181 20.66 18.56 21.88
CA PHE A 181 21.11 19.92 22.11
C PHE A 181 22.62 19.99 22.24
N ILE A 182 23.22 20.86 21.45
CA ILE A 182 24.66 21.09 21.51
C ILE A 182 25.03 22.29 22.34
N GLU A 183 24.57 23.46 21.94
CA GLU A 183 24.96 24.72 22.59
C GLU A 183 24.07 25.86 22.13
N GLU A 184 24.14 26.97 22.88
CA GLU A 184 23.51 28.23 22.46
C GLU A 184 24.65 29.15 22.06
N LYS A 185 24.63 29.65 20.83
CA LYS A 185 25.71 30.48 20.25
C LYS A 185 25.08 31.70 19.62
N ASN A 186 25.46 32.88 20.08
CA ASN A 186 24.89 34.14 19.60
C ASN A 186 23.37 34.21 19.62
N GLY A 187 22.80 33.65 20.68
CA GLY A 187 21.35 33.61 20.86
C GLY A 187 20.65 32.47 20.09
N ASN A 188 21.41 31.74 19.28
CA ASN A 188 20.88 30.59 18.51
C ASN A 188 21.03 29.30 19.30
N LYS A 189 20.01 28.46 19.29
CA LYS A 189 20.18 27.13 19.87
C LYS A 189 20.49 26.16 18.75
N ILE A 190 21.54 25.37 18.94
CA ILE A 190 21.97 24.42 17.95
C ILE A 190 21.77 23.00 18.43
N TYR A 191 21.12 22.19 17.60
CA TYR A 191 20.85 20.80 17.87
C TYR A 191 21.47 20.02 16.71
N ALA A 192 22.12 18.89 17.01
CA ALA A 192 22.74 18.13 15.92
C ALA A 192 23.09 16.72 16.35
N LYS A 193 23.28 15.87 15.36
CA LYS A 193 23.80 14.53 15.54
C LYS A 193 24.82 14.29 14.44
N SER A 194 26.02 13.89 14.85
CA SER A 194 27.06 13.53 13.93
C SER A 194 26.90 12.09 13.51
N GLY A 195 27.53 11.76 12.39
CA GLY A 195 27.68 10.39 11.97
C GLY A 195 28.95 10.19 11.18
N TRP A 196 29.49 8.96 11.27
CA TRP A 196 30.69 8.60 10.53
C TRP A 196 30.55 7.14 10.18
N GLY A 197 30.27 6.87 8.91
CA GLY A 197 30.17 5.49 8.45
C GLY A 197 31.54 5.04 8.05
N TRP A 198 32.26 4.44 9.00
CA TRP A 198 33.65 4.05 8.76
C TRP A 198 33.81 2.60 8.33
N ASP A 199 32.73 1.86 8.31
CA ASP A 199 32.73 0.45 7.86
C ASP A 199 32.23 0.31 6.43
N VAL A 200 32.05 1.43 5.74
CA VAL A 200 31.79 1.44 4.31
C VAL A 200 32.87 2.14 3.52
N ASP A 201 32.91 1.90 2.22
CA ASP A 201 33.96 2.48 1.38
C ASP A 201 33.29 3.06 0.11
N PRO A 202 33.44 4.35 -0.14
CA PRO A 202 34.17 5.28 0.73
C PRO A 202 33.42 5.57 2.02
N GLN A 203 34.14 6.09 3.01
CA GLN A 203 33.54 6.46 4.26
C GLN A 203 32.72 7.73 4.13
N VAL A 204 31.69 7.83 4.96
CA VAL A 204 30.77 8.96 4.91
C VAL A 204 30.80 9.67 6.24
N GLY A 205 30.78 10.99 6.17
CA GLY A 205 30.65 11.82 7.35
C GLY A 205 29.41 12.68 7.28
N TRP A 206 28.73 12.78 8.43
CA TRP A 206 27.48 13.52 8.56
C TRP A 206 27.53 14.50 9.71
N LEU A 207 26.77 15.58 9.58
CA LEU A 207 26.30 16.35 10.74
C LEU A 207 24.92 16.90 10.38
N THR A 208 23.89 16.37 11.06
CA THR A 208 22.52 16.69 10.71
C THR A 208 21.90 17.33 11.94
N GLY A 209 21.14 18.40 11.73
CA GLY A 209 20.58 19.11 12.85
C GLY A 209 19.79 20.32 12.47
N TRP A 210 19.67 21.25 13.42
CA TRP A 210 18.96 22.48 13.15
C TRP A 210 19.39 23.55 14.11
N VAL A 211 19.07 24.76 13.68
CA VAL A 211 19.24 25.97 14.49
C VAL A 211 17.88 26.56 14.80
N VAL A 212 17.66 26.92 16.05
CA VAL A 212 16.54 27.77 16.42
C VAL A 212 17.07 29.16 16.68
N GLN A 213 16.69 30.09 15.81
CA GLN A 213 17.14 31.47 15.90
C GLN A 213 16.37 32.21 16.99
N PRO A 214 16.88 33.37 17.42
CA PRO A 214 16.31 34.01 18.62
C PRO A 214 14.81 34.25 18.54
N GLN A 215 14.25 34.57 17.38
CA GLN A 215 12.79 34.80 17.33
C GLN A 215 12.02 33.55 17.01
N GLY A 216 12.70 32.41 17.03
CA GLY A 216 12.02 31.12 16.83
C GLY A 216 12.14 30.45 15.48
N ASN A 217 12.70 31.15 14.49
CA ASN A 217 12.83 30.58 13.16
C ASN A 217 13.70 29.32 13.20
N ILE A 218 13.26 28.28 12.51
CA ILE A 218 14.02 27.02 12.43
C ILE A 218 14.72 26.88 11.09
N VAL A 219 16.01 26.59 11.15
CA VAL A 219 16.77 26.31 9.95
C VAL A 219 17.45 24.96 10.13
N ALA A 220 17.03 23.97 9.36
CA ALA A 220 17.61 22.66 9.46
C ALA A 220 18.76 22.52 8.49
N PHE A 221 19.63 21.56 8.77
CA PHE A 221 20.77 21.32 7.92
C PHE A 221 21.17 19.88 7.92
N SER A 222 21.85 19.48 6.85
CA SER A 222 22.59 18.23 6.84
C SER A 222 23.86 18.41 6.03
N LEU A 223 24.99 18.25 6.72
CA LEU A 223 26.29 18.19 6.06
C LEU A 223 26.60 16.76 5.77
N ASN A 224 27.11 16.50 4.57
CA ASN A 224 27.51 15.14 4.18
C ASN A 224 28.77 15.24 3.36
N LEU A 225 29.80 14.51 3.76
CA LEU A 225 31.06 14.58 3.00
C LEU A 225 31.73 13.22 2.98
N GLU A 226 32.73 13.07 2.12
CA GLU A 226 33.51 11.85 2.11
C GLU A 226 34.63 11.96 3.13
N MET A 227 34.64 11.06 4.11
CA MET A 227 35.73 11.00 5.09
C MET A 227 36.94 10.23 4.54
N LYS A 228 37.87 10.94 3.97
CA LYS A 228 39.12 10.33 3.47
C LYS A 228 40.14 10.15 4.60
N LYS A 229 41.14 9.28 4.38
CA LYS A 229 42.29 9.19 5.28
C LYS A 229 42.79 10.61 5.47
N GLY A 230 43.16 10.96 6.69
CA GLY A 230 43.76 12.26 6.92
C GLY A 230 42.78 13.36 7.22
N ILE A 231 41.49 13.14 6.96
CA ILE A 231 40.47 14.15 7.28
C ILE A 231 40.09 14.00 8.74
N PRO A 232 40.33 15.03 9.55
CA PRO A 232 39.93 14.94 10.97
C PRO A 232 38.44 14.95 11.15
N SER A 233 37.96 14.24 12.15
CA SER A 233 36.50 14.17 12.34
C SER A 233 35.91 15.54 12.72
N SER A 234 36.75 16.43 13.28
CA SER A 234 36.34 17.82 13.56
C SER A 234 35.85 18.63 12.33
N VAL A 235 36.27 18.23 11.13
CA VAL A 235 35.84 18.89 9.90
C VAL A 235 34.32 19.09 9.83
N ARG A 236 33.56 18.11 10.31
CA ARG A 236 32.11 18.12 10.12
C ARG A 236 31.51 19.34 10.80
N LYS A 237 31.80 19.51 12.08
CA LYS A 237 31.32 20.66 12.82
C LYS A 237 31.91 21.97 12.31
N GLU A 238 33.21 21.97 12.00
CA GLU A 238 33.86 23.21 11.55
C GLU A 238 33.24 23.74 10.27
N ILE A 239 33.06 22.87 9.26
CA ILE A 239 32.49 23.31 8.01
C ILE A 239 31.05 23.74 8.19
N THR A 240 30.31 22.99 9.00
CA THR A 240 28.91 23.31 9.19
C THR A 240 28.78 24.68 9.82
N TYR A 241 29.51 24.92 10.91
CA TYR A 241 29.39 26.20 11.58
C TYR A 241 29.84 27.37 10.72
N LYS A 242 30.95 27.19 10.02
CA LYS A 242 31.44 28.26 9.17
C LYS A 242 30.46 28.56 8.06
N SER A 243 29.87 27.49 7.51
CA SER A 243 28.88 27.65 6.45
C SER A 243 27.65 28.40 6.98
N LEU A 244 27.13 27.96 8.12
CA LEU A 244 25.95 28.60 8.67
C LEU A 244 26.19 30.08 9.01
N GLU A 245 27.41 30.40 9.42
CA GLU A 245 27.79 31.78 9.64
C GLU A 245 27.80 32.56 8.30
N GLN A 246 28.39 31.97 7.25
CA GLN A 246 28.45 32.64 5.95
CA GLN A 246 28.44 32.61 5.94
C GLN A 246 27.04 32.87 5.39
N LEU A 247 26.12 31.98 5.74
CA LEU A 247 24.72 32.09 5.27
C LEU A 247 23.90 33.02 6.13
N GLY A 248 24.48 33.53 7.20
CA GLY A 248 23.75 34.41 8.10
C GLY A 248 22.79 33.72 9.04
N ILE A 249 22.95 32.42 9.16
CA ILE A 249 22.07 31.59 9.99
C ILE A 249 22.54 31.62 11.44
N LEU A 250 23.86 31.55 11.63
CA LEU A 250 24.50 31.73 12.92
C LEU A 250 25.24 33.07 12.92
N GLU B 12 -13.84 9.03 -18.99
CA GLU B 12 -15.16 8.34 -18.83
C GLU B 12 -15.54 8.13 -17.37
N LYS B 13 -14.60 7.69 -16.52
CA LYS B 13 -14.85 7.67 -15.08
C LYS B 13 -15.10 9.12 -14.62
N ALA B 14 -14.23 10.00 -15.07
CA ALA B 14 -14.30 11.42 -14.68
C ALA B 14 -15.63 12.03 -15.09
N GLU B 15 -16.07 11.71 -16.30
CA GLU B 15 -17.30 12.22 -16.86
C GLU B 15 -18.47 11.76 -16.03
N LYS B 16 -18.47 10.47 -15.68
CA LYS B 16 -19.54 9.91 -14.88
C LYS B 16 -19.62 10.59 -13.50
N ILE B 17 -18.46 10.86 -12.90
CA ILE B 17 -18.43 11.48 -11.59
C ILE B 17 -18.86 12.94 -11.68
N LYS B 18 -18.41 13.65 -12.71
CA LYS B 18 -18.87 15.00 -12.96
C LYS B 18 -20.40 15.02 -13.06
N ASN B 19 -20.97 14.04 -13.75
CA ASN B 19 -22.42 14.04 -13.91
C ASN B 19 -23.18 13.73 -12.62
N LEU B 20 -22.56 13.01 -11.68
CA LEU B 20 -23.18 12.79 -10.38
C LEU B 20 -23.44 14.08 -9.65
N PHE B 21 -22.48 15.00 -9.73
CA PHE B 21 -22.70 16.29 -9.11
C PHE B 21 -23.75 17.10 -9.88
N ASN B 22 -23.71 17.03 -11.21
CA ASN B 22 -24.71 17.75 -11.98
C ASN B 22 -26.12 17.26 -11.66
N GLU B 23 -26.27 15.97 -11.44
CA GLU B 23 -27.59 15.35 -11.20
C GLU B 23 -28.25 15.89 -9.94
N VAL B 24 -27.43 16.27 -8.96
CA VAL B 24 -27.93 16.81 -7.68
C VAL B 24 -27.99 18.34 -7.65
N HIS B 25 -27.68 18.96 -8.79
CA HIS B 25 -27.83 20.40 -8.99
C HIS B 25 -27.03 21.20 -7.96
N THR B 26 -25.78 20.81 -7.77
CA THR B 26 -24.86 21.67 -7.05
C THR B 26 -23.46 21.54 -7.65
N THR B 27 -22.50 22.24 -7.06
CA THR B 27 -21.12 22.06 -7.47
C THR B 27 -20.31 21.44 -6.34
N GLY B 28 -19.34 20.63 -6.74
CA GLY B 28 -18.52 19.90 -5.77
C GLY B 28 -17.31 19.25 -6.41
N VAL B 29 -16.43 18.79 -5.52
CA VAL B 29 -15.21 18.11 -5.89
C VAL B 29 -15.03 16.90 -4.96
N LEU B 30 -14.41 15.87 -5.51
CA LEU B 30 -13.93 14.72 -4.73
C LEU B 30 -12.43 14.55 -4.98
N VAL B 31 -11.64 14.75 -3.93
CA VAL B 31 -10.21 14.56 -3.99
C VAL B 31 -9.88 13.14 -3.55
N ILE B 32 -9.09 12.41 -4.34
CA ILE B 32 -8.66 11.04 -4.00
C ILE B 32 -7.15 11.09 -3.82
N GLN B 33 -6.65 10.49 -2.76
CA GLN B 33 -5.24 10.36 -2.53
C GLN B 33 -4.79 8.95 -2.35
N GLN B 34 -3.81 8.56 -3.17
CA GLN B 34 -3.07 7.31 -3.05
C GLN B 34 -1.60 7.66 -3.05
N GLY B 35 -0.89 7.12 -2.12
CA GLY B 35 0.51 7.56 -1.96
C GLY B 35 0.51 9.07 -1.72
N GLN B 36 1.45 9.76 -2.38
CA GLN B 36 1.48 11.21 -2.15
C GLN B 36 0.89 11.97 -3.33
N THR B 37 0.18 11.30 -4.20
CA THR B 37 -0.43 11.89 -5.39
C THR B 37 -1.91 12.08 -5.13
N GLN B 38 -2.44 13.19 -5.57
CA GLN B 38 -3.90 13.39 -5.55
C GLN B 38 -4.49 13.49 -6.94
N GLN B 39 -5.75 13.07 -7.07
CA GLN B 39 -6.55 13.29 -8.28
C GLN B 39 -7.86 13.90 -7.84
N SER B 40 -8.36 14.89 -8.59
CA SER B 40 -9.67 15.49 -8.34
C SER B 40 -10.68 15.04 -9.39
N TYR B 41 -11.91 14.86 -8.95
CA TYR B 41 -13.06 14.55 -9.80
C TYR B 41 -14.24 15.43 -9.39
N GLY B 42 -15.21 15.56 -10.29
CA GLY B 42 -16.42 16.33 -9.99
C GLY B 42 -16.70 17.41 -11.00
N ASN B 43 -17.60 18.32 -10.68
CA ASN B 43 -17.98 19.34 -11.66
C ASN B 43 -17.47 20.73 -11.31
N ASP B 44 -16.68 20.84 -10.23
CA ASP B 44 -15.90 22.06 -9.98
C ASP B 44 -14.58 21.73 -9.32
N LEU B 45 -13.61 21.40 -10.16
CA LEU B 45 -12.34 20.85 -9.67
C LEU B 45 -11.57 21.85 -8.84
N ALA B 46 -11.76 23.14 -9.18
CA ALA B 46 -11.03 24.20 -8.50
C ALA B 46 -11.44 24.36 -7.06
N ARG B 47 -12.56 23.78 -6.65
CA ARG B 47 -12.92 23.76 -5.21
C ARG B 47 -11.82 23.04 -4.42
N ALA B 48 -11.09 22.12 -5.06
CA ALA B 48 -10.10 21.34 -4.32
C ALA B 48 -9.06 22.20 -3.62
N SER B 49 -8.76 23.35 -4.24
CA SER B 49 -7.75 24.27 -3.74
C SER B 49 -8.33 25.47 -3.00
N THR B 50 -9.65 25.49 -2.81
CA THR B 50 -10.35 26.58 -2.14
C THR B 50 -10.58 26.25 -0.65
N GLU B 51 -10.41 27.22 0.23
CA GLU B 51 -10.58 27.06 1.67
C GLU B 51 -12.05 27.17 2.08
N TYR B 52 -12.48 26.28 3.00
CA TYR B 52 -13.79 26.29 3.57
C TYR B 52 -13.68 26.02 5.08
N VAL B 53 -14.67 26.44 5.84
CA VAL B 53 -14.69 26.00 7.24
C VAL B 53 -14.76 24.47 7.25
N PRO B 54 -14.09 23.83 8.22
CA PRO B 54 -14.11 22.36 8.25
C PRO B 54 -15.41 21.78 8.83
N ALA B 55 -16.11 22.59 9.62
CA ALA B 55 -17.25 22.09 10.36
C ALA B 55 -16.85 20.80 11.12
N SER B 56 -17.72 19.81 11.20
CA SER B 56 -17.39 18.67 12.05
C SER B 56 -16.25 17.76 11.55
N THR B 57 -15.73 18.00 10.36
CA THR B 57 -14.52 17.32 9.96
C THR B 57 -13.41 17.62 10.93
N PHE B 58 -13.45 18.77 11.61
CA PHE B 58 -12.40 19.13 12.56
C PHE B 58 -12.38 18.18 13.77
N KCX B 59 -13.48 17.49 14.04
CA KCX B 59 -13.54 16.58 15.17
CB KCX B 59 -14.87 15.79 15.24
CG KCX B 59 -16.07 16.66 15.65
CD KCX B 59 -17.31 15.80 15.97
CE KCX B 59 -18.51 16.61 16.62
NZ KCX B 59 -18.80 17.85 15.94
C KCX B 59 -12.40 15.56 15.11
O KCX B 59 -11.96 15.10 16.16
CX KCX B 59 -18.12 19.01 15.89
OQ1 KCX B 59 -18.54 19.96 15.13
OQ2 KCX B 59 -17.37 19.57 16.63
N MET B 60 -11.91 15.21 13.91
CA MET B 60 -10.83 14.28 13.79
C MET B 60 -9.61 14.80 14.56
N LEU B 61 -9.31 16.07 14.34
CA LEU B 61 -8.13 16.67 14.97
C LEU B 61 -8.38 17.06 16.43
N ASN B 62 -9.62 17.49 16.74
CA ASN B 62 -9.98 17.79 18.12
C ASN B 62 -9.75 16.51 18.98
N ALA B 63 -10.23 15.38 18.48
CA ALA B 63 -10.04 14.12 19.22
C ALA B 63 -8.59 13.77 19.43
N LEU B 64 -7.79 13.86 18.37
CA LEU B 64 -6.36 13.57 18.51
C LEU B 64 -5.71 14.42 19.58
N ILE B 65 -5.99 15.72 19.54
CA ILE B 65 -5.42 16.66 20.51
C ILE B 65 -5.86 16.29 21.94
N GLY B 66 -7.14 16.12 22.10
CA GLY B 66 -7.68 15.82 23.42
C GLY B 66 -7.16 14.53 24.02
N LEU B 67 -7.09 13.50 23.20
CA LEU B 67 -6.54 12.24 23.69
C LEU B 67 -5.04 12.35 23.99
N GLU B 68 -4.30 12.95 23.07
CA GLU B 68 -2.87 12.98 23.22
CA GLU B 68 -2.86 12.99 23.20
C GLU B 68 -2.46 13.70 24.49
N HIS B 69 -3.24 14.74 24.83
CA HIS B 69 -2.91 15.56 25.99
C HIS B 69 -3.74 15.22 27.22
N HIS B 70 -4.34 14.03 27.23
CA HIS B 70 -5.01 13.45 28.40
C HIS B 70 -6.11 14.38 28.92
N LYS B 71 -6.83 14.98 28.00
CA LYS B 71 -7.98 15.80 28.37
C LYS B 71 -9.26 15.00 28.35
N ALA B 72 -9.24 13.81 27.76
CA ALA B 72 -10.38 12.90 27.76
C ALA B 72 -9.85 11.51 27.46
N THR B 73 -10.70 10.52 27.64
CA THR B 73 -10.39 9.14 27.32
C THR B 73 -11.43 8.65 26.36
N THR B 74 -11.16 7.49 25.74
CA THR B 74 -12.09 6.88 24.81
C THR B 74 -13.27 6.21 25.47
N THR B 75 -13.21 5.96 26.77
CA THR B 75 -14.30 5.27 27.44
C THR B 75 -15.15 6.19 28.31
N GLU B 76 -14.69 7.41 28.53
CA GLU B 76 -15.49 8.37 29.33
C GLU B 76 -16.84 8.60 28.69
N VAL B 77 -17.85 8.74 29.54
CA VAL B 77 -19.20 8.99 29.07
C VAL B 77 -19.59 10.42 29.34
N PHE B 78 -20.02 11.06 28.26
CA PHE B 78 -20.58 12.42 28.31
C PHE B 78 -22.07 12.21 28.38
N LYS B 79 -22.65 12.27 29.59
CA LYS B 79 -24.09 12.04 29.71
C LYS B 79 -24.86 13.22 29.13
N TRP B 80 -26.03 12.92 28.58
CA TRP B 80 -26.94 13.98 28.21
C TRP B 80 -27.58 14.55 29.48
N ASP B 81 -27.61 15.85 29.55
CA ASP B 81 -28.14 16.54 30.74
C ASP B 81 -29.64 16.73 30.72
N GLY B 82 -30.29 16.31 29.63
CA GLY B 82 -31.70 16.45 29.47
C GLY B 82 -32.13 17.80 28.88
N GLN B 83 -31.18 18.69 28.57
CA GLN B 83 -31.53 19.94 27.89
C GLN B 83 -31.69 19.72 26.38
N LYS B 84 -32.76 20.27 25.83
CA LYS B 84 -33.07 20.10 24.40
C LYS B 84 -31.85 20.52 23.56
N ARG B 85 -31.45 19.66 22.63
CA ARG B 85 -30.36 19.95 21.70
C ARG B 85 -30.91 20.34 20.34
N LEU B 86 -29.97 20.64 19.42
CA LEU B 86 -30.36 21.13 18.12
C LEU B 86 -30.94 19.97 17.32
N PHE B 87 -30.46 18.76 17.61
CA PHE B 87 -30.97 17.56 16.96
C PHE B 87 -31.29 16.55 18.04
N PRO B 88 -32.36 15.76 17.84
CA PRO B 88 -32.66 14.72 18.84
C PRO B 88 -31.61 13.61 18.91
N GLU B 89 -30.88 13.43 17.82
CA GLU B 89 -29.76 12.48 17.78
C GLU B 89 -28.65 12.79 18.79
N TRP B 90 -28.59 14.03 19.26
CA TRP B 90 -27.56 14.45 20.19
C TRP B 90 -28.02 14.27 21.63
N GLU B 91 -29.30 13.91 21.81
CA GLU B 91 -29.91 13.84 23.15
C GLU B 91 -29.75 12.42 23.75
N LYS B 92 -28.49 11.99 23.87
CA LYS B 92 -28.16 10.70 24.36
C LYS B 92 -26.82 10.74 25.03
N ASP B 93 -26.57 9.77 25.90
CA ASP B 93 -25.24 9.65 26.47
C ASP B 93 -24.29 9.15 25.40
N MET B 94 -23.06 9.66 25.42
CA MET B 94 -22.10 9.38 24.33
C MET B 94 -20.68 9.31 24.88
N THR B 95 -19.91 8.40 24.31
CA THR B 95 -18.45 8.50 24.35
C THR B 95 -18.01 9.49 23.25
N LEU B 96 -16.71 9.80 23.22
CA LEU B 96 -16.18 10.58 22.12
C LEU B 96 -16.45 9.91 20.78
N GLY B 97 -16.34 8.59 20.71
CA GLY B 97 -16.64 7.92 19.48
C GLY B 97 -18.09 7.97 19.03
N ASP B 98 -18.97 7.83 20.01
CA ASP B 98 -20.41 7.95 19.71
C ASP B 98 -20.68 9.34 19.16
N ALA B 99 -20.06 10.33 19.82
CA ALA B 99 -20.24 11.71 19.41
C ALA B 99 -19.62 12.04 18.07
N MET B 100 -18.52 11.35 17.75
CA MET B 100 -17.95 11.46 16.42
C MET B 100 -18.98 11.01 15.38
N LYS B 101 -19.55 9.82 15.57
CA LYS B 101 -20.46 9.23 14.59
CA LYS B 101 -20.45 9.25 14.58
C LYS B 101 -21.72 10.10 14.45
N ALA B 102 -22.18 10.66 15.59
CA ALA B 102 -23.39 11.46 15.60
C ALA B 102 -23.16 12.95 15.26
N SER B 103 -21.89 13.32 15.02
CA SER B 103 -21.50 14.73 14.87
C SER B 103 -22.03 15.61 15.99
N ALA B 104 -21.94 15.11 17.23
CA ALA B 104 -22.52 15.81 18.34
C ALA B 104 -21.62 16.97 18.80
N ILE B 105 -21.92 18.12 18.23
CA ILE B 105 -21.17 19.34 18.49
C ILE B 105 -20.98 19.63 19.98
N PRO B 106 -22.02 19.46 20.83
CA PRO B 106 -21.82 19.85 22.22
C PRO B 106 -20.75 19.05 23.00
N VAL B 107 -20.64 17.77 22.70
CA VAL B 107 -19.58 16.95 23.32
C VAL B 107 -18.20 17.48 22.93
N TYR B 108 -18.05 17.79 21.65
CA TYR B 108 -16.74 18.26 21.19
C TYR B 108 -16.47 19.71 21.59
N GLN B 109 -17.50 20.51 21.83
CA GLN B 109 -17.29 21.80 22.48
C GLN B 109 -16.76 21.65 23.90
N ASP B 110 -17.32 20.69 24.65
CA ASP B 110 -16.79 20.37 25.97
CA ASP B 110 -16.80 20.35 25.98
C ASP B 110 -15.31 19.99 25.88
N LEU B 111 -15.00 19.13 24.93
CA LEU B 111 -13.61 18.74 24.71
C LEU B 111 -12.70 19.93 24.39
N ALA B 112 -13.16 20.78 23.46
CA ALA B 112 -12.37 21.94 23.08
C ALA B 112 -12.10 22.83 24.30
N ARG B 113 -13.10 23.00 25.17
CA ARG B 113 -12.89 23.83 26.34
CA ARG B 113 -12.89 23.83 26.34
C ARG B 113 -11.91 23.21 27.33
N ARG B 114 -11.91 21.88 27.39
CA ARG B 114 -10.91 21.19 28.23
C ARG B 114 -9.48 21.42 27.71
N ILE B 115 -9.34 21.35 26.40
CA ILE B 115 -8.06 21.57 25.74
C ILE B 115 -7.64 22.99 26.03
N GLY B 116 -8.55 23.92 25.76
CA GLY B 116 -8.29 25.34 25.96
C GLY B 116 -7.61 26.01 24.81
N LEU B 117 -7.75 27.33 24.75
CA LEU B 117 -7.33 28.05 23.56
C LEU B 117 -5.82 27.92 23.29
N GLU B 118 -5.00 28.05 24.33
CA GLU B 118 -3.56 28.03 24.14
C GLU B 118 -3.08 26.71 23.53
N LEU B 119 -3.47 25.61 24.15
CA LEU B 119 -3.07 24.28 23.66
C LEU B 119 -3.67 23.97 22.29
N MET B 120 -4.94 24.35 22.11
CA MET B 120 -5.57 24.11 20.80
C MET B 120 -4.80 24.83 19.68
N SER B 121 -4.51 26.10 19.92
CA SER B 121 -3.82 26.90 18.94
C SER B 121 -2.43 26.36 18.65
N LYS B 122 -1.71 26.00 19.70
CA LYS B 122 -0.37 25.41 19.54
C LYS B 122 -0.42 24.12 18.68
N GLU B 123 -1.41 23.28 18.94
CA GLU B 123 -1.47 21.99 18.26
C GLU B 123 -1.96 22.12 16.83
N VAL B 124 -2.97 22.96 16.60
CA VAL B 124 -3.41 23.21 15.24
C VAL B 124 -2.28 23.75 14.37
N LYS B 125 -1.47 24.65 14.95
CA LYS B 125 -0.32 25.18 14.25
C LYS B 125 0.73 24.14 14.04
N ARG B 126 1.02 23.36 15.07
CA ARG B 126 2.02 22.32 14.96
C ARG B 126 1.73 21.34 13.80
N VAL B 127 0.49 20.88 13.76
CA VAL B 127 0.03 19.95 12.74
C VAL B 127 -0.11 20.65 11.38
N GLY B 128 -0.28 21.95 11.38
CA GLY B 128 -0.47 22.73 10.14
C GLY B 128 -1.78 22.49 9.44
N TYR B 129 -2.85 22.46 10.20
CA TYR B 129 -4.17 22.11 9.69
C TYR B 129 -4.83 23.33 9.02
N GLY B 130 -5.02 23.25 7.73
CA GLY B 130 -5.63 24.34 6.95
C GLY B 130 -4.83 25.63 7.13
N ASN B 131 -5.55 26.74 7.41
CA ASN B 131 -4.88 27.99 7.64
C ASN B 131 -4.36 28.14 9.09
N ALA B 132 -4.61 27.10 9.88
CA ALA B 132 -4.15 27.05 11.26
C ALA B 132 -4.54 28.22 12.11
N ASP B 133 -5.61 28.91 11.77
CA ASP B 133 -6.05 30.10 12.51
C ASP B 133 -7.31 29.77 13.32
N ILE B 134 -7.18 29.69 14.64
CA ILE B 134 -8.39 29.40 15.48
C ILE B 134 -9.02 30.62 16.16
N GLY B 135 -8.36 31.77 16.08
CA GLY B 135 -8.93 32.97 16.65
C GLY B 135 -9.01 32.85 18.16
N THR B 136 -9.97 33.60 18.73
CA THR B 136 -10.06 33.72 20.17
C THR B 136 -11.18 32.95 20.83
N GLN B 137 -12.00 32.26 20.05
CA GLN B 137 -13.16 31.54 20.59
C GLN B 137 -13.02 30.03 20.47
N VAL B 138 -12.65 29.38 21.56
CA VAL B 138 -12.19 28.00 21.54
C VAL B 138 -13.26 27.01 21.16
N ASP B 139 -14.52 27.38 21.31
CA ASP B 139 -15.58 26.42 21.13
C ASP B 139 -16.46 26.61 19.86
N ASN B 140 -16.05 27.45 18.91
CA ASN B 140 -16.77 27.47 17.62
C ASN B 140 -15.93 27.84 16.38
N PHE B 141 -14.59 27.80 16.51
CA PHE B 141 -13.74 28.33 15.46
C PHE B 141 -13.75 27.44 14.20
N TRP B 142 -14.22 26.20 14.34
CA TRP B 142 -14.31 25.26 13.23
C TRP B 142 -15.66 25.32 12.51
N LEU B 143 -16.59 26.07 13.08
CA LEU B 143 -17.96 26.14 12.55
C LEU B 143 -18.19 27.43 11.77
N VAL B 144 -17.71 28.53 12.32
CA VAL B 144 -17.96 29.83 11.75
C VAL B 144 -16.75 30.62 11.29
N GLY B 145 -15.60 29.99 11.25
CA GLY B 145 -14.34 30.71 11.03
C GLY B 145 -13.74 31.09 12.37
N PRO B 146 -12.45 31.43 12.39
CA PRO B 146 -11.66 31.75 11.22
C PRO B 146 -10.91 30.56 10.62
N LEU B 147 -11.02 29.38 11.21
CA LEU B 147 -10.29 28.24 10.67
C LEU B 147 -10.91 27.78 9.36
N LYS B 148 -10.07 27.59 8.36
CA LYS B 148 -10.50 27.09 7.05
C LYS B 148 -9.46 26.11 6.51
N ILE B 149 -9.91 25.24 5.62
CA ILE B 149 -9.06 24.18 5.07
C ILE B 149 -9.54 23.85 3.68
N THR B 150 -8.62 23.38 2.80
CA THR B 150 -9.05 22.99 1.50
C THR B 150 -9.36 21.49 1.44
N PRO B 151 -10.12 21.06 0.45
CA PRO B 151 -10.31 19.62 0.25
C PRO B 151 -9.01 18.84 0.01
N GLN B 152 -8.04 19.41 -0.74
CA GLN B 152 -6.77 18.75 -0.86
C GLN B 152 -6.13 18.52 0.53
N GLN B 153 -6.17 19.55 1.38
CA GLN B 153 -5.60 19.44 2.69
C GLN B 153 -6.33 18.42 3.56
N GLU B 154 -7.64 18.36 3.41
CA GLU B 154 -8.42 17.38 4.16
C GLU B 154 -8.09 15.95 3.70
N ALA B 155 -7.94 15.73 2.40
CA ALA B 155 -7.56 14.39 1.94
C ALA B 155 -6.18 13.99 2.40
N GLN B 156 -5.24 14.94 2.40
N GLN B 156 -5.23 14.93 2.39
CA GLN B 156 -3.93 14.68 2.92
CA GLN B 156 -3.91 14.71 2.93
C GLN B 156 -3.95 14.32 4.40
C GLN B 156 -3.94 14.33 4.40
N PHE B 157 -4.73 15.08 5.18
CA PHE B 157 -4.85 14.81 6.60
C PHE B 157 -5.41 13.41 6.84
N ALA B 158 -6.45 13.07 6.08
CA ALA B 158 -7.07 11.73 6.18
C ALA B 158 -6.08 10.62 5.80
N TYR B 159 -5.30 10.86 4.74
CA TYR B 159 -4.31 9.88 4.34
C TYR B 159 -3.27 9.65 5.43
N LYS B 160 -2.80 10.71 6.05
CA LYS B 160 -1.86 10.59 7.14
C LYS B 160 -2.48 9.86 8.32
N LEU B 161 -3.70 10.22 8.68
CA LEU B 161 -4.34 9.50 9.80
C LEU B 161 -4.45 8.01 9.50
N ALA B 162 -4.83 7.70 8.27
CA ALA B 162 -5.02 6.31 7.83
C ALA B 162 -3.72 5.49 7.95
N ASN B 163 -2.61 6.15 7.62
CA ASN B 163 -1.32 5.54 7.70
C ASN B 163 -0.61 5.69 9.06
N LYS B 164 -1.27 6.39 9.99
CA LYS B 164 -0.72 6.68 11.30
C LYS B 164 0.56 7.48 11.22
N THR B 165 0.57 8.44 10.27
CA THR B 165 1.71 9.29 10.10
C THR B 165 1.52 10.74 10.50
N LEU B 166 0.39 11.01 11.18
CA LEU B 166 0.26 12.29 11.85
C LEU B 166 1.23 12.34 12.99
N PRO B 167 1.48 13.54 13.50
CA PRO B 167 2.49 13.69 14.58
C PRO B 167 1.85 13.59 15.96
N PHE B 168 1.34 12.40 16.20
CA PHE B 168 0.72 11.97 17.42
C PHE B 168 1.18 10.53 17.71
N SER B 169 0.97 10.09 18.93
CA SER B 169 1.33 8.74 19.28
C SER B 169 0.53 7.76 18.42
N PRO B 170 1.05 6.53 18.35
CA PRO B 170 0.30 5.51 17.67
C PRO B 170 -1.00 5.15 18.25
N LYS B 171 -0.99 5.09 19.57
CA LYS B 171 -2.19 4.70 20.28
C LYS B 171 -3.32 5.68 20.00
N VAL B 172 -3.05 6.99 20.08
CA VAL B 172 -4.11 7.95 19.82
C VAL B 172 -4.60 7.94 18.39
N GLN B 173 -3.72 7.76 17.41
CA GLN B 173 -4.16 7.66 16.04
C GLN B 173 -5.03 6.43 15.80
N ASP B 174 -4.66 5.31 16.42
CA ASP B 174 -5.49 4.14 16.36
CA ASP B 174 -5.49 4.10 16.40
C ASP B 174 -6.86 4.38 16.97
N GLU B 175 -6.87 5.07 18.11
CA GLU B 175 -8.14 5.36 18.80
C GLU B 175 -9.06 6.21 17.95
N VAL B 176 -8.51 7.22 17.28
CA VAL B 176 -9.36 8.10 16.49
C VAL B 176 -9.81 7.37 15.23
N GLN B 177 -8.95 6.53 14.64
CA GLN B 177 -9.41 5.69 13.53
C GLN B 177 -10.67 4.90 13.95
N SER B 178 -10.63 4.29 15.13
CA SER B 178 -11.77 3.47 15.55
CA SER B 178 -11.76 3.49 15.59
C SER B 178 -13.04 4.31 15.62
N MET B 179 -12.90 5.54 16.10
CA MET B 179 -14.05 6.44 16.18
C MET B 179 -14.69 6.75 14.84
N LEU B 180 -13.89 6.69 13.77
CA LEU B 180 -14.27 7.08 12.42
C LEU B 180 -14.78 5.96 11.59
N PHE B 181 -14.71 4.72 12.11
CA PHE B 181 -15.14 3.59 11.31
C PHE B 181 -16.64 3.72 11.00
N ILE B 182 -16.96 3.53 9.75
CA ILE B 182 -18.34 3.58 9.29
C ILE B 182 -18.88 2.19 9.07
N GLU B 183 -18.25 1.44 8.18
CA GLU B 183 -18.76 0.12 7.82
C GLU B 183 -17.70 -0.63 7.03
N GLU B 184 -17.93 -1.92 6.87
CA GLU B 184 -17.15 -2.71 5.97
C GLU B 184 -18.13 -3.07 4.86
N LYS B 185 -17.76 -2.74 3.62
CA LYS B 185 -18.60 -2.91 2.46
C LYS B 185 -17.77 -3.59 1.37
N ASN B 186 -18.22 -4.76 0.96
CA ASN B 186 -17.53 -5.56 -0.07
C ASN B 186 -16.09 -5.84 0.29
N GLY B 187 -15.86 -6.01 1.58
CA GLY B 187 -14.53 -6.32 2.09
C GLY B 187 -13.73 -5.09 2.47
N ASN B 188 -14.17 -3.91 2.03
CA ASN B 188 -13.45 -2.67 2.25
C ASN B 188 -13.85 -2.05 3.56
N LYS B 189 -12.88 -1.56 4.35
CA LYS B 189 -13.22 -0.84 5.57
C LYS B 189 -13.24 0.61 5.22
N ILE B 190 -14.35 1.26 5.55
CA ILE B 190 -14.56 2.66 5.29
C ILE B 190 -14.58 3.44 6.58
N TYR B 191 -13.75 4.49 6.63
CA TYR B 191 -13.65 5.39 7.74
C TYR B 191 -13.97 6.77 7.18
N ALA B 192 -14.71 7.57 7.93
CA ALA B 192 -15.06 8.90 7.42
C ALA B 192 -15.62 9.78 8.51
N LYS B 193 -15.55 11.09 8.24
CA LYS B 193 -16.20 12.09 9.03
C LYS B 193 -16.94 13.05 8.11
N SER B 194 -18.25 13.17 8.36
CA SER B 194 -19.04 14.16 7.64
C SER B 194 -18.87 15.54 8.27
N GLY B 195 -19.18 16.53 7.46
CA GLY B 195 -19.33 17.87 7.92
C GLY B 195 -20.38 18.63 7.12
N TRP B 196 -20.94 19.62 7.81
CA TRP B 196 -21.91 20.52 7.17
C TRP B 196 -21.81 21.84 7.89
N GLY B 197 -21.22 22.81 7.21
CA GLY B 197 -21.13 24.15 7.76
C GLY B 197 -22.38 24.89 7.37
N TRP B 198 -23.37 24.88 8.25
CA TRP B 198 -24.68 25.50 7.95
C TRP B 198 -24.80 26.92 8.47
N ASP B 199 -23.81 27.39 9.21
CA ASP B 199 -23.79 28.74 9.78
C ASP B 199 -22.94 29.70 8.94
N VAL B 200 -22.45 29.21 7.82
CA VAL B 200 -21.82 30.07 6.81
C VAL B 200 -22.59 30.05 5.49
N ASP B 201 -22.35 31.05 4.67
CA ASP B 201 -23.08 31.20 3.42
C ASP B 201 -22.08 31.46 2.30
N PRO B 202 -22.05 30.64 1.26
CA PRO B 202 -22.89 29.46 1.12
C PRO B 202 -22.49 28.33 2.09
N GLN B 203 -23.42 27.41 2.28
CA GLN B 203 -23.16 26.30 3.15
C GLN B 203 -22.19 25.32 2.49
N VAL B 204 -21.42 24.66 3.34
CA VAL B 204 -20.46 23.69 2.83
C VAL B 204 -20.83 22.30 3.34
N GLY B 205 -20.67 21.30 2.46
CA GLY B 205 -20.79 19.93 2.88
C GLY B 205 -19.54 19.13 2.61
N TRP B 206 -19.18 18.28 3.58
CA TRP B 206 -17.96 17.50 3.54
C TRP B 206 -18.24 16.02 3.78
N LEU B 207 -17.42 15.17 3.17
CA LEU B 207 -17.20 13.81 3.70
C LEU B 207 -15.74 13.46 3.44
N THR B 208 -14.96 13.36 4.52
CA THR B 208 -13.53 13.14 4.42
C THR B 208 -13.23 11.81 5.10
N GLY B 209 -12.38 11.00 4.47
CA GLY B 209 -12.13 9.69 5.10
C GLY B 209 -11.17 8.88 4.24
N TRP B 210 -11.26 7.60 4.42
CA TRP B 210 -10.42 6.68 3.65
C TRP B 210 -11.07 5.30 3.59
N VAL B 211 -10.54 4.53 2.66
CA VAL B 211 -10.90 3.14 2.44
C VAL B 211 -9.65 2.30 2.62
N VAL B 212 -9.78 1.24 3.41
CA VAL B 212 -8.72 0.21 3.45
C VAL B 212 -9.26 -1.00 2.68
N GLN B 213 -8.64 -1.26 1.55
CA GLN B 213 -9.03 -2.37 0.72
C GLN B 213 -8.52 -3.70 1.26
N PRO B 214 -9.16 -4.81 0.86
CA PRO B 214 -8.74 -6.09 1.45
C PRO B 214 -7.25 -6.40 1.31
N GLN B 215 -6.63 -6.02 0.20
N GLN B 215 -6.68 -5.99 0.19
CA GLN B 215 -5.21 -6.28 0.04
CA GLN B 215 -5.29 -6.23 -0.13
C GLN B 215 -4.37 -5.51 1.04
C GLN B 215 -4.33 -5.27 0.59
N GLY B 216 -4.91 -4.36 1.40
CA GLY B 216 -4.22 -3.47 2.35
C GLY B 216 -4.00 -2.06 1.88
N ASN B 217 -4.27 -1.80 0.61
CA ASN B 217 -4.11 -0.46 0.03
CA ASN B 217 -4.11 -0.48 -0.01
C ASN B 217 -5.03 0.51 0.71
N ILE B 218 -4.51 1.71 0.96
CA ILE B 218 -5.28 2.82 1.49
C ILE B 218 -5.58 3.84 0.43
N VAL B 219 -6.84 4.23 0.31
CA VAL B 219 -7.23 5.30 -0.57
C VAL B 219 -7.98 6.36 0.24
N ALA B 220 -7.41 7.55 0.39
CA ALA B 220 -8.08 8.59 1.15
C ALA B 220 -8.93 9.44 0.19
N PHE B 221 -9.89 10.15 0.75
CA PHE B 221 -10.78 10.98 -0.02
C PHE B 221 -11.30 12.16 0.77
N SER B 222 -11.66 13.21 0.03
CA SER B 222 -12.43 14.31 0.61
C SER B 222 -13.41 14.82 -0.41
N LEU B 223 -14.68 14.64 -0.12
CA LEU B 223 -15.79 15.23 -0.85
C LEU B 223 -16.07 16.58 -0.24
N ASN B 224 -16.24 17.57 -1.12
CA ASN B 224 -16.59 18.91 -0.68
C ASN B 224 -17.58 19.49 -1.71
N LEU B 225 -18.76 19.89 -1.25
CA LEU B 225 -19.75 20.45 -2.15
C LEU B 225 -20.53 21.57 -1.50
N GLU B 226 -21.23 22.35 -2.32
CA GLU B 226 -22.10 23.39 -1.79
C GLU B 226 -23.45 22.81 -1.39
N MET B 227 -23.79 22.95 -0.11
CA MET B 227 -25.10 22.52 0.37
C MET B 227 -26.15 23.60 0.10
N LYS B 228 -26.81 23.47 -1.03
CA LYS B 228 -27.87 24.40 -1.42
C LYS B 228 -29.18 24.04 -0.74
N LYS B 229 -30.09 25.01 -0.64
CA LYS B 229 -31.47 24.77 -0.19
C LYS B 229 -31.99 23.56 -0.95
N GLY B 230 -32.60 22.63 -0.23
CA GLY B 230 -33.24 21.49 -0.87
C GLY B 230 -32.35 20.30 -1.18
N ILE B 231 -31.03 20.45 -1.05
CA ILE B 231 -30.11 19.31 -1.20
C ILE B 231 -30.13 18.54 0.12
N PRO B 232 -30.56 17.28 0.10
CA PRO B 232 -30.53 16.46 1.32
C PRO B 232 -29.12 16.15 1.84
N SER B 233 -28.98 16.03 3.16
CA SER B 233 -27.69 15.75 3.73
C SER B 233 -27.12 14.40 3.25
N SER B 234 -28.01 13.47 2.91
CA SER B 234 -27.62 12.15 2.39
C SER B 234 -26.81 12.20 1.08
N VAL B 235 -26.84 13.34 0.38
CA VAL B 235 -26.08 13.49 -0.86
CA VAL B 235 -26.09 13.47 -0.87
C VAL B 235 -24.60 13.21 -0.67
N ARG B 236 -24.07 13.55 0.51
CA ARG B 236 -22.61 13.49 0.70
C ARG B 236 -22.14 12.04 0.61
N LYS B 237 -22.76 11.17 1.41
CA LYS B 237 -22.44 9.75 1.35
C LYS B 237 -22.79 9.12 0.01
N GLU B 238 -23.93 9.50 -0.55
CA GLU B 238 -24.38 8.90 -1.81
C GLU B 238 -23.41 9.19 -2.96
N ILE B 239 -23.03 10.46 -3.13
CA ILE B 239 -22.09 10.81 -4.17
C ILE B 239 -20.72 10.20 -3.94
N THR B 240 -20.28 10.21 -2.68
CA THR B 240 -18.97 9.65 -2.36
C THR B 240 -18.94 8.17 -2.74
N TYR B 241 -19.91 7.43 -2.24
CA TYR B 241 -19.92 6.00 -2.49
C TYR B 241 -20.05 5.67 -3.97
N LYS B 242 -20.92 6.37 -4.66
CA LYS B 242 -21.11 6.10 -6.07
C LYS B 242 -19.82 6.42 -6.87
N SER B 243 -19.16 7.49 -6.48
CA SER B 243 -17.92 7.87 -7.10
C SER B 243 -16.84 6.84 -6.87
N LEU B 244 -16.67 6.43 -5.60
CA LEU B 244 -15.66 5.45 -5.28
C LEU B 244 -15.91 4.12 -5.99
N GLU B 245 -17.19 3.77 -6.17
CA GLU B 245 -17.56 2.59 -6.95
C GLU B 245 -17.15 2.74 -8.41
N GLN B 246 -17.46 3.89 -9.00
CA GLN B 246 -17.06 4.18 -10.39
C GLN B 246 -15.57 4.08 -10.58
N LEU B 247 -14.79 4.45 -9.56
CA LEU B 247 -13.34 4.44 -9.64
C LEU B 247 -12.76 3.05 -9.38
N GLY B 248 -13.61 2.13 -8.97
CA GLY B 248 -13.17 0.79 -8.62
C GLY B 248 -12.57 0.68 -7.23
N ILE B 249 -12.76 1.71 -6.41
CA ILE B 249 -12.23 1.77 -5.06
C ILE B 249 -13.10 0.97 -4.08
N LEU B 250 -14.42 1.05 -4.31
CA LEU B 250 -15.44 0.26 -3.60
C LEU B 250 -16.19 -0.69 -4.50
N SER C 10 -37.04 -14.76 -18.66
CA SER C 10 -35.93 -14.57 -17.66
C SER C 10 -36.50 -14.08 -16.33
N ASP C 11 -37.37 -13.06 -16.40
CA ASP C 11 -38.24 -12.60 -15.31
C ASP C 11 -39.00 -13.79 -14.69
N GLU C 12 -39.45 -14.73 -15.54
CA GLU C 12 -40.16 -15.92 -15.05
C GLU C 12 -39.15 -16.88 -14.40
N LYS C 13 -37.98 -16.96 -15.01
CA LYS C 13 -36.89 -17.77 -14.44
C LYS C 13 -36.52 -17.16 -13.07
N ALA C 14 -36.37 -15.85 -13.07
CA ALA C 14 -36.04 -15.15 -11.83
C ALA C 14 -37.15 -15.34 -10.78
N GLU C 15 -38.44 -15.27 -11.23
CA GLU C 15 -39.57 -15.49 -10.32
C GLU C 15 -39.49 -16.88 -9.71
N LYS C 16 -39.21 -17.88 -10.54
CA LYS C 16 -39.12 -19.27 -10.07
C LYS C 16 -38.04 -19.44 -9.02
N ILE C 17 -36.89 -18.80 -9.26
CA ILE C 17 -35.77 -18.92 -8.36
C ILE C 17 -36.09 -18.20 -7.05
N LYS C 18 -36.64 -16.98 -7.10
CA LYS C 18 -37.26 -16.33 -5.92
C LYS C 18 -38.12 -17.34 -5.15
N ASN C 19 -39.02 -17.98 -5.85
CA ASN C 19 -39.98 -18.86 -5.20
C ASN C 19 -39.38 -20.12 -4.64
N LEU C 20 -38.25 -20.58 -5.20
CA LEU C 20 -37.54 -21.70 -4.59
C LEU C 20 -37.09 -21.41 -3.16
N PHE C 21 -36.65 -20.18 -2.93
CA PHE C 21 -36.26 -19.81 -1.60
C PHE C 21 -37.51 -19.61 -0.73
N ASN C 22 -38.58 -19.05 -1.28
CA ASN C 22 -39.79 -18.88 -0.50
C ASN C 22 -40.36 -20.24 -0.09
N GLU C 23 -40.24 -21.24 -0.95
CA GLU C 23 -40.79 -22.59 -0.71
C GLU C 23 -40.13 -23.26 0.47
N VAL C 24 -38.83 -22.92 0.71
CA VAL C 24 -38.07 -23.45 1.86
C VAL C 24 -38.24 -22.60 3.13
N HIS C 25 -39.01 -21.51 3.04
CA HIS C 25 -39.30 -20.63 4.18
C HIS C 25 -37.95 -20.03 4.68
N THR C 26 -37.11 -19.54 3.79
CA THR C 26 -35.96 -18.72 4.21
C THR C 26 -35.63 -17.68 3.16
N THR C 27 -34.60 -16.88 3.43
CA THR C 27 -34.12 -15.91 2.45
C THR C 27 -32.71 -16.29 1.93
N GLY C 28 -32.49 -16.07 0.65
CA GLY C 28 -31.26 -16.42 -0.02
C GLY C 28 -31.11 -15.76 -1.39
N VAL C 29 -29.89 -15.86 -1.92
CA VAL C 29 -29.54 -15.32 -3.22
C VAL C 29 -28.64 -16.36 -3.91
N LEU C 30 -28.63 -16.30 -5.22
CA LEU C 30 -27.76 -17.07 -6.09
C LEU C 30 -27.11 -16.08 -7.08
N VAL C 31 -25.79 -15.94 -6.97
CA VAL C 31 -25.06 -15.12 -7.89
C VAL C 31 -24.47 -16.00 -8.98
N ILE C 32 -24.62 -15.56 -10.22
CA ILE C 32 -24.10 -16.24 -11.38
C ILE C 32 -23.09 -15.37 -12.07
N GLN C 33 -21.95 -15.93 -12.46
CA GLN C 33 -20.97 -15.17 -13.20
C GLN C 33 -20.60 -15.92 -14.47
N GLN C 34 -20.74 -15.21 -15.58
CA GLN C 34 -20.15 -15.57 -16.87
C GLN C 34 -19.36 -14.36 -17.33
N GLY C 35 -18.21 -14.62 -17.91
CA GLY C 35 -17.29 -13.55 -18.23
C GLY C 35 -17.07 -12.64 -17.02
N GLN C 36 -17.17 -11.33 -17.22
CA GLN C 36 -16.96 -10.39 -16.16
C GLN C 36 -18.26 -9.85 -15.61
N THR C 37 -19.39 -10.46 -15.96
CA THR C 37 -20.68 -9.95 -15.58
C THR C 37 -21.24 -10.85 -14.53
N GLN C 38 -21.91 -10.30 -13.53
CA GLN C 38 -22.65 -11.12 -12.58
C GLN C 38 -24.13 -10.76 -12.63
N GLN C 39 -24.97 -11.74 -12.30
CA GLN C 39 -26.42 -11.53 -12.17
C GLN C 39 -26.81 -12.21 -10.86
N SER C 40 -27.73 -11.62 -10.12
CA SER C 40 -28.22 -12.12 -8.85
C SER C 40 -29.69 -12.57 -9.02
N TYR C 41 -30.02 -13.65 -8.34
CA TYR C 41 -31.37 -14.21 -8.36
C TYR C 41 -31.75 -14.62 -6.94
N GLY C 42 -33.06 -14.72 -6.66
CA GLY C 42 -33.49 -15.17 -5.34
C GLY C 42 -34.46 -14.22 -4.67
N ASN C 43 -34.73 -14.46 -3.39
CA ASN C 43 -35.77 -13.66 -2.72
C ASN C 43 -35.21 -12.61 -1.78
N ASP C 44 -33.86 -12.51 -1.71
CA ASP C 44 -33.23 -11.38 -1.06
CA ASP C 44 -33.24 -11.38 -1.06
C ASP C 44 -31.91 -11.02 -1.74
N LEU C 45 -32.03 -10.18 -2.75
CA LEU C 45 -30.91 -9.89 -3.61
C LEU C 45 -29.85 -9.07 -2.89
N ALA C 46 -30.23 -8.38 -1.82
CA ALA C 46 -29.26 -7.61 -1.02
C ALA C 46 -28.22 -8.51 -0.36
N ARG C 47 -28.54 -9.80 -0.22
CA ARG C 47 -27.54 -10.74 0.29
C ARG C 47 -26.32 -10.85 -0.62
N ALA C 48 -26.48 -10.59 -1.91
CA ALA C 48 -25.36 -10.78 -2.85
C ALA C 48 -24.16 -9.92 -2.47
N SER C 49 -24.44 -8.75 -1.89
CA SER C 49 -23.39 -7.83 -1.54
C SER C 49 -23.21 -7.67 -0.05
N THR C 50 -23.71 -8.63 0.70
CA THR C 50 -23.57 -8.68 2.14
C THR C 50 -22.49 -9.69 2.49
N GLU C 51 -21.69 -9.34 3.49
CA GLU C 51 -20.62 -10.21 3.98
C GLU C 51 -21.08 -11.24 4.99
N TYR C 52 -20.62 -12.48 4.80
CA TYR C 52 -20.91 -13.59 5.71
C TYR C 52 -19.62 -14.37 5.96
N VAL C 53 -19.59 -15.10 7.04
CA VAL C 53 -18.45 -16.01 7.24
C VAL C 53 -18.47 -17.04 6.10
N PRO C 54 -17.30 -17.43 5.60
CA PRO C 54 -17.27 -18.39 4.49
C PRO C 54 -17.58 -19.82 4.89
N ALA C 55 -17.31 -20.14 6.15
CA ALA C 55 -17.35 -21.53 6.63
C ALA C 55 -16.51 -22.39 5.68
N SER C 56 -16.93 -23.60 5.37
CA SER C 56 -16.07 -24.49 4.59
C SER C 56 -15.83 -24.09 3.14
N THR C 57 -16.49 -23.04 2.64
CA THR C 57 -16.13 -22.55 1.34
C THR C 57 -14.67 -22.06 1.37
N PHE C 58 -14.19 -21.67 2.56
CA PHE C 58 -12.81 -21.22 2.67
C PHE C 58 -11.80 -22.36 2.39
N KCX C 59 -12.22 -23.62 2.44
CA KCX C 59 -11.29 -24.73 2.19
CB KCX C 59 -11.98 -26.10 2.30
CG KCX C 59 -12.41 -26.48 3.71
CD KCX C 59 -12.89 -27.96 3.82
CE KCX C 59 -13.00 -28.52 5.28
NZ KCX C 59 -13.78 -27.63 6.11
C KCX C 59 -10.66 -24.60 0.83
O KCX C 59 -9.54 -25.04 0.63
CX KCX C 59 -13.39 -26.46 6.72
OQ1 KCX C 59 -12.18 -26.01 6.96
OQ2 KCX C 59 -14.16 -25.70 7.29
N MET C 60 -11.36 -24.02 -0.14
CA MET C 60 -10.79 -23.83 -1.46
CA MET C 60 -10.81 -23.80 -1.47
C MET C 60 -9.49 -23.03 -1.37
N LEU C 61 -9.52 -21.92 -0.66
CA LEU C 61 -8.33 -21.07 -0.57
C LEU C 61 -7.29 -21.67 0.40
N ASN C 62 -7.74 -22.28 1.51
CA ASN C 62 -6.84 -22.95 2.44
C ASN C 62 -6.00 -23.99 1.69
N ALA C 63 -6.66 -24.78 0.85
CA ALA C 63 -5.95 -25.77 0.04
C ALA C 63 -4.95 -25.16 -0.93
N LEU C 64 -5.35 -24.10 -1.62
CA LEU C 64 -4.43 -23.42 -2.52
C LEU C 64 -3.18 -22.98 -1.79
N ILE C 65 -3.35 -22.27 -0.66
CA ILE C 65 -2.23 -21.75 0.11
C ILE C 65 -1.34 -22.90 0.61
N GLY C 66 -1.96 -23.95 1.13
CA GLY C 66 -1.22 -25.02 1.70
C GLY C 66 -0.43 -25.78 0.65
N LEU C 67 -1.04 -26.05 -0.49
CA LEU C 67 -0.32 -26.72 -1.57
C LEU C 67 0.81 -25.84 -2.13
N GLU C 68 0.49 -24.57 -2.35
CA GLU C 68 1.45 -23.67 -2.98
C GLU C 68 2.71 -23.60 -2.15
N HIS C 69 2.53 -23.54 -0.84
CA HIS C 69 3.64 -23.31 0.10
C HIS C 69 4.20 -24.59 0.70
N HIS C 70 3.85 -25.70 0.08
CA HIS C 70 4.43 -27.00 0.45
C HIS C 70 4.12 -27.39 1.88
N LYS C 71 2.95 -26.98 2.36
CA LYS C 71 2.47 -27.42 3.64
C LYS C 71 1.65 -28.69 3.58
N ALA C 72 1.34 -29.10 2.35
CA ALA C 72 0.58 -30.31 2.09
C ALA C 72 0.91 -30.77 0.70
N THR C 73 0.65 -32.05 0.46
CA THR C 73 0.57 -32.58 -0.90
C THR C 73 -0.82 -33.16 -1.10
N THR C 74 -1.16 -33.48 -2.35
CA THR C 74 -2.45 -34.04 -2.63
C THR C 74 -2.58 -35.53 -2.31
N THR C 75 -1.45 -36.20 -2.01
CA THR C 75 -1.51 -37.60 -1.72
C THR C 75 -1.29 -37.93 -0.24
N GLU C 76 -0.75 -36.98 0.52
CA GLU C 76 -0.48 -37.30 1.93
C GLU C 76 -1.77 -37.56 2.69
N VAL C 77 -1.65 -38.30 3.77
CA VAL C 77 -2.77 -38.58 4.64
C VAL C 77 -2.66 -37.80 5.94
N PHE C 78 -3.67 -36.96 6.21
CA PHE C 78 -3.83 -36.26 7.47
C PHE C 78 -4.49 -37.19 8.49
N LYS C 79 -3.71 -37.56 9.50
CA LYS C 79 -4.11 -38.62 10.40
C LYS C 79 -5.02 -38.15 11.50
N TRP C 80 -5.99 -39.00 11.83
CA TRP C 80 -6.85 -38.79 12.98
C TRP C 80 -6.12 -39.17 14.26
N ASP C 81 -6.09 -38.19 15.16
CA ASP C 81 -5.35 -38.30 16.40
C ASP C 81 -6.10 -39.00 17.49
N GLY C 82 -7.32 -39.44 17.19
CA GLY C 82 -8.14 -40.17 18.17
C GLY C 82 -9.01 -39.29 19.05
N GLN C 83 -8.85 -37.97 18.96
CA GLN C 83 -9.75 -37.05 19.68
C GLN C 83 -11.10 -36.98 18.99
N LYS C 84 -12.16 -36.99 19.79
CA LYS C 84 -13.52 -36.94 19.31
C LYS C 84 -13.71 -35.79 18.31
N ARG C 85 -14.29 -36.11 17.15
CA ARG C 85 -14.66 -35.11 16.17
C ARG C 85 -16.16 -34.93 16.14
N LEU C 86 -16.61 -33.92 15.40
CA LEU C 86 -17.99 -33.52 15.45
C LEU C 86 -18.86 -34.62 14.86
N PHE C 87 -18.33 -35.37 13.90
CA PHE C 87 -19.08 -36.41 13.22
C PHE C 87 -18.20 -37.65 13.16
N PRO C 88 -18.78 -38.84 13.38
CA PRO C 88 -17.95 -40.06 13.37
C PRO C 88 -17.37 -40.37 11.99
N GLU C 89 -18.02 -39.90 10.93
CA GLU C 89 -17.50 -40.01 9.57
C GLU C 89 -16.12 -39.34 9.37
N TRP C 90 -15.78 -38.41 10.23
CA TRP C 90 -14.51 -37.70 10.11
C TRP C 90 -13.44 -38.38 10.92
N GLU C 91 -13.78 -39.43 11.67
CA GLU C 91 -12.81 -40.04 12.61
C GLU C 91 -11.99 -41.11 11.89
N LYS C 92 -11.25 -40.64 10.90
CA LYS C 92 -10.47 -41.51 10.02
C LYS C 92 -9.37 -40.68 9.40
N ASP C 93 -8.37 -41.34 8.86
CA ASP C 93 -7.30 -40.62 8.14
C ASP C 93 -7.86 -40.22 6.76
N MET C 94 -7.43 -39.06 6.27
CA MET C 94 -7.97 -38.50 5.01
C MET C 94 -6.89 -37.75 4.26
N THR C 95 -7.00 -37.78 2.92
CA THR C 95 -6.27 -36.78 2.12
C THR C 95 -6.97 -35.42 2.17
N LEU C 96 -6.31 -34.38 1.68
CA LEU C 96 -6.97 -33.08 1.51
C LEU C 96 -8.21 -33.16 0.67
N GLY C 97 -8.16 -33.96 -0.39
CA GLY C 97 -9.33 -34.08 -1.23
C GLY C 97 -10.46 -34.87 -0.56
N ASP C 98 -10.15 -35.91 0.20
CA ASP C 98 -11.18 -36.64 0.95
C ASP C 98 -11.82 -35.64 1.92
N ALA C 99 -10.98 -34.87 2.60
CA ALA C 99 -11.48 -33.93 3.59
C ALA C 99 -12.28 -32.78 2.99
N MET C 100 -11.92 -32.39 1.77
CA MET C 100 -12.71 -31.43 1.01
C MET C 100 -14.13 -31.96 0.84
N LYS C 101 -14.23 -33.17 0.29
CA LYS C 101 -15.52 -33.77 -0.02
C LYS C 101 -16.35 -33.95 1.25
N ALA C 102 -15.68 -34.29 2.35
CA ALA C 102 -16.37 -34.54 3.63
C ALA C 102 -16.60 -33.26 4.45
N SER C 103 -16.13 -32.11 3.96
CA SER C 103 -16.07 -30.90 4.77
C SER C 103 -15.49 -31.14 6.17
N ALA C 104 -14.40 -31.89 6.23
CA ALA C 104 -13.82 -32.26 7.49
C ALA C 104 -12.98 -31.16 8.11
N ILE C 105 -13.68 -30.32 8.89
CA ILE C 105 -13.07 -29.16 9.51
C ILE C 105 -11.74 -29.42 10.17
N PRO C 106 -11.62 -30.49 10.96
CA PRO C 106 -10.36 -30.64 11.69
C PRO C 106 -9.13 -30.91 10.85
N VAL C 107 -9.29 -31.54 9.71
CA VAL C 107 -8.14 -31.72 8.80
C VAL C 107 -7.66 -30.36 8.28
N TYR C 108 -8.60 -29.49 7.95
CA TYR C 108 -8.24 -28.19 7.43
C TYR C 108 -7.80 -27.25 8.54
N GLN C 109 -8.19 -27.51 9.79
CA GLN C 109 -7.57 -26.82 10.92
C GLN C 109 -6.12 -27.24 11.09
N ASP C 110 -5.82 -28.52 10.91
CA ASP C 110 -4.42 -28.95 10.95
C ASP C 110 -3.64 -28.26 9.82
N LEU C 111 -4.23 -28.16 8.63
CA LEU C 111 -3.56 -27.49 7.54
C LEU C 111 -3.33 -26.02 7.84
N ALA C 112 -4.35 -25.36 8.39
CA ALA C 112 -4.18 -23.94 8.74
C ALA C 112 -3.05 -23.76 9.74
N ARG C 113 -2.93 -24.67 10.72
CA ARG C 113 -1.87 -24.53 11.69
CA ARG C 113 -1.88 -24.53 11.70
C ARG C 113 -0.49 -24.75 11.08
N ARG C 114 -0.41 -25.65 10.08
CA ARG C 114 0.84 -25.80 9.33
C ARG C 114 1.26 -24.51 8.62
N ILE C 115 0.28 -23.89 8.00
CA ILE C 115 0.49 -22.63 7.29
C ILE C 115 0.93 -21.55 8.27
N GLY C 116 0.18 -21.43 9.37
CA GLY C 116 0.50 -20.48 10.43
C GLY C 116 -0.07 -19.10 10.16
N LEU C 117 -0.25 -18.33 11.23
CA LEU C 117 -0.96 -17.07 11.13
C LEU C 117 -0.29 -16.10 10.15
N GLU C 118 1.04 -15.96 10.22
CA GLU C 118 1.71 -14.98 9.41
C GLU C 118 1.52 -15.22 7.90
N LEU C 119 1.79 -16.44 7.48
CA LEU C 119 1.64 -16.80 6.07
C LEU C 119 0.18 -16.78 5.64
N MET C 120 -0.70 -17.28 6.51
CA MET C 120 -2.13 -17.25 6.17
C MET C 120 -2.59 -15.81 5.92
N SER C 121 -2.26 -14.93 6.85
N SER C 121 -2.26 -14.93 6.85
N SER C 121 -2.27 -14.94 6.86
CA SER C 121 -2.68 -13.55 6.72
CA SER C 121 -2.67 -13.54 6.76
CA SER C 121 -2.64 -13.52 6.78
C SER C 121 -2.13 -12.87 5.49
C SER C 121 -2.12 -12.87 5.50
C SER C 121 -2.13 -12.88 5.48
N LYS C 122 -0.84 -13.10 5.22
CA LYS C 122 -0.19 -12.55 4.03
C LYS C 122 -0.87 -13.02 2.77
N GLU C 123 -1.24 -14.32 2.72
CA GLU C 123 -1.79 -14.86 1.49
C GLU C 123 -3.24 -14.45 1.28
N VAL C 124 -4.03 -14.50 2.36
CA VAL C 124 -5.41 -14.07 2.25
C VAL C 124 -5.49 -12.58 1.78
N LYS C 125 -4.60 -11.74 2.31
N LYS C 125 -4.63 -11.73 2.34
CA LYS C 125 -4.52 -10.36 1.85
CA LYS C 125 -4.51 -10.34 1.86
C LYS C 125 -4.03 -10.25 0.43
C LYS C 125 -4.02 -10.25 0.42
N ARG C 126 -2.98 -11.01 0.07
CA ARG C 126 -2.43 -10.94 -1.25
C ARG C 126 -3.51 -11.16 -2.30
N VAL C 127 -4.31 -12.18 -2.09
CA VAL C 127 -5.36 -12.54 -3.03
C VAL C 127 -6.65 -11.72 -2.85
N GLY C 128 -6.71 -10.93 -1.80
CA GLY C 128 -7.89 -10.09 -1.55
C GLY C 128 -9.18 -10.84 -1.33
N TYR C 129 -9.11 -11.93 -0.55
CA TYR C 129 -10.26 -12.79 -0.29
C TYR C 129 -11.18 -12.17 0.76
N GLY C 130 -12.38 -11.82 0.33
CA GLY C 130 -13.35 -11.21 1.26
C GLY C 130 -12.83 -9.93 1.86
N ASN C 131 -12.97 -9.82 3.17
CA ASN C 131 -12.38 -8.70 3.91
C ASN C 131 -10.92 -8.92 4.30
N ALA C 132 -10.39 -10.10 3.97
CA ALA C 132 -9.03 -10.46 4.22
C ALA C 132 -8.59 -10.27 5.66
N ASP C 133 -9.53 -10.42 6.58
CA ASP C 133 -9.25 -10.21 8.01
C ASP C 133 -9.34 -11.54 8.74
N ILE C 134 -8.20 -12.10 9.12
CA ILE C 134 -8.23 -13.41 9.79
C ILE C 134 -8.01 -13.32 11.30
N GLY C 135 -7.74 -12.14 11.83
CA GLY C 135 -7.61 -12.06 13.27
C GLY C 135 -6.38 -12.76 13.82
N THR C 136 -6.49 -13.24 15.05
CA THR C 136 -5.38 -13.80 15.76
C THR C 136 -5.45 -15.31 15.93
N GLN C 137 -6.56 -15.93 15.52
CA GLN C 137 -6.80 -17.34 15.77
C GLN C 137 -6.79 -18.11 14.43
N VAL C 138 -5.66 -18.78 14.15
CA VAL C 138 -5.42 -19.31 12.81
C VAL C 138 -6.34 -20.48 12.48
N ASP C 139 -6.93 -21.12 13.49
CA ASP C 139 -7.72 -22.30 13.24
C ASP C 139 -9.23 -22.19 13.31
N ASN C 140 -9.79 -20.98 13.36
CA ASN C 140 -11.24 -20.88 13.28
C ASN C 140 -11.77 -19.57 12.69
N PHE C 141 -10.89 -18.82 12.03
CA PHE C 141 -11.29 -17.52 11.56
C PHE C 141 -12.32 -17.56 10.44
N TRP C 142 -12.43 -18.69 9.76
CA TRP C 142 -13.37 -18.85 8.65
C TRP C 142 -14.74 -19.35 9.12
N LEU C 143 -14.81 -19.71 10.41
CA LEU C 143 -16.03 -20.30 10.98
C LEU C 143 -16.81 -19.32 11.79
N VAL C 144 -16.09 -18.54 12.60
CA VAL C 144 -16.74 -17.62 13.52
C VAL C 144 -16.38 -16.15 13.30
N GLY C 145 -15.69 -15.87 12.21
CA GLY C 145 -15.16 -14.53 12.01
C GLY C 145 -13.75 -14.45 12.52
N PRO C 146 -13.00 -13.41 12.17
CA PRO C 146 -13.53 -12.19 11.57
C PRO C 146 -13.61 -12.19 10.05
N LEU C 147 -13.15 -13.27 9.41
CA LEU C 147 -13.14 -13.30 7.98
C LEU C 147 -14.54 -13.40 7.43
N LYS C 148 -14.86 -12.52 6.47
CA LYS C 148 -16.17 -12.55 5.85
C LYS C 148 -16.04 -12.22 4.39
N ILE C 149 -17.03 -12.67 3.60
CA ILE C 149 -16.95 -12.55 2.16
C ILE C 149 -18.37 -12.47 1.63
N THR C 150 -18.55 -11.77 0.52
CA THR C 150 -19.89 -11.69 -0.06
C THR C 150 -20.10 -12.76 -1.11
N PRO C 151 -21.37 -13.06 -1.42
CA PRO C 151 -21.61 -14.07 -2.51
C PRO C 151 -21.06 -13.59 -3.85
N GLN C 152 -21.12 -12.28 -4.16
CA GLN C 152 -20.49 -11.77 -5.37
C GLN C 152 -18.97 -12.09 -5.39
N GLN C 153 -18.32 -11.90 -4.23
CA GLN C 153 -16.91 -12.19 -4.15
C GLN C 153 -16.64 -13.70 -4.30
N GLU C 154 -17.50 -14.52 -3.70
CA GLU C 154 -17.37 -15.97 -3.82
C GLU C 154 -17.50 -16.42 -5.26
N ALA C 155 -18.48 -15.87 -6.00
CA ALA C 155 -18.66 -16.29 -7.36
C ALA C 155 -17.49 -15.84 -8.24
N GLN C 156 -16.94 -14.67 -7.96
CA GLN C 156 -15.74 -14.22 -8.64
C GLN C 156 -14.54 -15.12 -8.35
N PHE C 157 -14.39 -15.49 -7.10
CA PHE C 157 -13.29 -16.38 -6.70
C PHE C 157 -13.38 -17.74 -7.44
N ALA C 158 -14.59 -18.30 -7.45
CA ALA C 158 -14.84 -19.51 -8.19
C ALA C 158 -14.56 -19.39 -9.67
N TYR C 159 -14.98 -18.27 -10.25
CA TYR C 159 -14.74 -18.04 -11.65
C TYR C 159 -13.25 -18.02 -11.99
N LYS C 160 -12.49 -17.34 -11.15
CA LYS C 160 -11.06 -17.28 -11.35
C LYS C 160 -10.41 -18.63 -11.13
N LEU C 161 -10.87 -19.36 -10.13
CA LEU C 161 -10.30 -20.71 -9.94
C LEU C 161 -10.57 -21.60 -11.15
N ALA C 162 -11.79 -21.53 -11.64
CA ALA C 162 -12.19 -22.31 -12.82
C ALA C 162 -11.32 -22.02 -14.03
N ASN C 163 -10.96 -20.76 -14.19
CA ASN C 163 -10.12 -20.29 -15.30
C ASN C 163 -8.62 -20.35 -15.04
N LYS C 164 -8.26 -20.74 -13.82
CA LYS C 164 -6.87 -20.74 -13.34
C LYS C 164 -6.23 -19.36 -13.43
N THR C 165 -7.01 -18.35 -13.02
CA THR C 165 -6.52 -16.98 -13.01
C THR C 165 -6.35 -16.40 -11.60
N LEU C 166 -6.51 -17.25 -10.57
CA LEU C 166 -6.16 -16.77 -9.23
C LEU C 166 -4.64 -16.62 -9.17
N PRO C 167 -4.13 -15.91 -8.13
CA PRO C 167 -2.70 -15.66 -8.07
C PRO C 167 -1.92 -16.78 -7.40
N PHE C 168 -2.00 -17.95 -8.03
CA PHE C 168 -1.30 -19.15 -7.63
C PHE C 168 -0.82 -19.85 -8.89
N SER C 169 0.12 -20.78 -8.70
CA SER C 169 0.47 -21.62 -9.82
C SER C 169 -0.69 -22.37 -10.43
N PRO C 170 -0.66 -22.54 -11.75
CA PRO C 170 -1.74 -23.31 -12.34
C PRO C 170 -1.78 -24.78 -11.91
N LYS C 171 -0.65 -25.38 -11.54
CA LYS C 171 -0.69 -26.74 -11.05
CA LYS C 171 -0.70 -26.74 -11.05
C LYS C 171 -1.53 -26.81 -9.78
N VAL C 172 -1.30 -25.90 -8.83
CA VAL C 172 -2.03 -25.94 -7.60
CA VAL C 172 -2.08 -25.99 -7.60
C VAL C 172 -3.53 -25.64 -7.82
N GLN C 173 -3.82 -24.74 -8.74
CA GLN C 173 -5.22 -24.49 -9.05
C GLN C 173 -5.90 -25.70 -9.66
N ASP C 174 -5.19 -26.41 -10.55
CA ASP C 174 -5.71 -27.64 -11.12
CA ASP C 174 -5.70 -27.64 -11.13
C ASP C 174 -5.98 -28.68 -10.04
N GLU C 175 -5.04 -28.80 -9.10
CA GLU C 175 -5.19 -29.75 -8.00
C GLU C 175 -6.43 -29.47 -7.17
N VAL C 176 -6.66 -28.21 -6.83
CA VAL C 176 -7.83 -27.86 -6.06
C VAL C 176 -9.14 -28.04 -6.85
N GLN C 177 -9.11 -27.72 -8.13
CA GLN C 177 -10.28 -28.02 -8.99
C GLN C 177 -10.62 -29.50 -8.85
N SER C 178 -9.62 -30.38 -8.93
CA SER C 178 -9.90 -31.81 -8.88
C SER C 178 -10.60 -32.21 -7.58
N MET C 179 -10.21 -31.57 -6.49
CA MET C 179 -10.83 -31.83 -5.20
C MET C 179 -12.29 -31.44 -5.13
N LEU C 180 -12.71 -30.52 -6.00
CA LEU C 180 -14.02 -29.90 -5.97
C LEU C 180 -14.98 -30.54 -6.99
N PHE C 181 -14.49 -31.50 -7.75
CA PHE C 181 -15.35 -32.09 -8.79
C PHE C 181 -16.47 -32.87 -8.12
N ILE C 182 -17.70 -32.59 -8.54
CA ILE C 182 -18.85 -33.31 -8.02
CA ILE C 182 -18.87 -33.28 -8.02
C ILE C 182 -19.31 -34.38 -8.98
N GLU C 183 -19.67 -34.00 -10.21
CA GLU C 183 -20.23 -34.95 -11.17
C GLU C 183 -20.28 -34.33 -12.54
N GLU C 184 -20.48 -35.16 -13.55
CA GLU C 184 -20.78 -34.69 -14.90
C GLU C 184 -22.26 -35.01 -15.13
N LYS C 185 -23.04 -34.00 -15.49
CA LYS C 185 -24.48 -34.13 -15.71
C LYS C 185 -24.78 -33.51 -17.08
N ASN C 186 -25.32 -34.31 -17.99
CA ASN C 186 -25.67 -33.83 -19.31
C ASN C 186 -24.54 -33.18 -20.08
N GLY C 187 -23.34 -33.72 -19.90
CA GLY C 187 -22.14 -33.18 -20.52
C GLY C 187 -21.51 -32.02 -19.76
N ASN C 188 -22.18 -31.53 -18.72
CA ASN C 188 -21.68 -30.44 -17.88
C ASN C 188 -20.89 -30.96 -16.70
N LYS C 189 -19.69 -30.43 -16.48
CA LYS C 189 -18.90 -30.81 -15.31
C LYS C 189 -19.21 -29.83 -14.22
N ILE C 190 -19.58 -30.34 -13.04
CA ILE C 190 -19.95 -29.48 -11.92
C ILE C 190 -18.88 -29.60 -10.84
N TYR C 191 -18.42 -28.44 -10.38
CA TYR C 191 -17.46 -28.32 -9.31
C TYR C 191 -18.10 -27.46 -8.25
N ALA C 192 -17.94 -27.82 -6.97
CA ALA C 192 -18.57 -27.01 -5.93
C ALA C 192 -18.04 -27.34 -4.56
N LYS C 193 -18.17 -26.36 -3.66
CA LYS C 193 -17.90 -26.57 -2.25
C LYS C 193 -19.06 -25.96 -1.47
N SER C 194 -19.59 -26.76 -0.56
CA SER C 194 -20.62 -26.34 0.34
C SER C 194 -20.02 -25.63 1.53
N GLY C 195 -20.87 -24.87 2.20
CA GLY C 195 -20.53 -24.34 3.50
C GLY C 195 -21.77 -24.22 4.39
N TRP C 196 -21.54 -24.26 5.70
CA TRP C 196 -22.60 -24.05 6.66
C TRP C 196 -21.97 -23.45 7.89
N GLY C 197 -22.15 -22.14 8.05
CA GLY C 197 -21.65 -21.45 9.25
C GLY C 197 -22.69 -21.62 10.34
N TRP C 198 -22.53 -22.65 11.17
CA TRP C 198 -23.53 -22.95 12.19
C TRP C 198 -23.16 -22.39 13.57
N ASP C 199 -21.99 -21.78 13.70
CA ASP C 199 -21.54 -21.20 14.96
C ASP C 199 -21.69 -19.68 14.94
N VAL C 200 -22.35 -19.15 13.91
CA VAL C 200 -22.82 -17.75 13.93
C VAL C 200 -24.32 -17.69 13.88
N ASP C 201 -24.86 -16.54 14.27
CA ASP C 201 -26.30 -16.31 14.31
C ASP C 201 -26.59 -14.99 13.58
N PRO C 202 -27.43 -15.02 12.55
CA PRO C 202 -28.04 -16.23 12.02
C PRO C 202 -27.04 -17.12 11.29
N GLN C 203 -27.42 -18.39 11.14
CA GLN C 203 -26.59 -19.32 10.40
C GLN C 203 -26.59 -19.06 8.91
N VAL C 204 -25.47 -19.34 8.28
CA VAL C 204 -25.32 -19.14 6.83
C VAL C 204 -25.06 -20.45 6.11
N GLY C 205 -25.68 -20.61 4.94
CA GLY C 205 -25.46 -21.73 4.09
C GLY C 205 -24.96 -21.26 2.74
N TRP C 206 -24.02 -22.04 2.19
CA TRP C 206 -23.39 -21.71 0.94
C TRP C 206 -23.35 -22.94 0.04
N LEU C 207 -23.33 -22.66 -1.26
CA LEU C 207 -22.75 -23.59 -2.23
C LEU C 207 -22.13 -22.79 -3.35
N THR C 208 -20.80 -22.86 -3.46
CA THR C 208 -20.07 -22.05 -4.40
C THR C 208 -19.31 -22.96 -5.34
N GLY C 209 -19.33 -22.65 -6.62
CA GLY C 209 -18.67 -23.51 -7.58
C GLY C 209 -18.82 -23.02 -9.00
N TRP C 210 -18.73 -23.96 -9.95
CA TRP C 210 -18.89 -23.59 -11.33
C TRP C 210 -19.28 -24.81 -12.13
N VAL C 211 -19.75 -24.51 -13.32
CA VAL C 211 -20.12 -25.51 -14.34
C VAL C 211 -19.24 -25.28 -15.56
N VAL C 212 -18.63 -26.36 -16.05
CA VAL C 212 -17.97 -26.31 -17.33
C VAL C 212 -18.90 -26.99 -18.35
N GLN C 213 -19.44 -26.21 -19.28
CA GLN C 213 -20.37 -26.72 -20.26
C GLN C 213 -19.64 -27.46 -21.37
N PRO C 214 -20.39 -28.24 -22.16
CA PRO C 214 -19.73 -29.14 -23.10
C PRO C 214 -18.73 -28.44 -24.04
N GLN C 215 -19.03 -27.23 -24.47
CA GLN C 215 -18.13 -26.53 -25.40
C GLN C 215 -17.04 -25.75 -24.66
N GLY C 216 -16.99 -25.90 -23.33
CA GLY C 216 -15.96 -25.29 -22.51
C GLY C 216 -16.36 -24.03 -21.74
N ASN C 217 -17.56 -23.51 -21.99
CA ASN C 217 -17.96 -22.26 -21.36
C ASN C 217 -18.04 -22.45 -19.84
N ILE C 218 -17.50 -21.50 -19.08
CA ILE C 218 -17.54 -21.57 -17.62
C ILE C 218 -18.63 -20.67 -17.02
N VAL C 219 -19.47 -21.25 -16.18
CA VAL C 219 -20.46 -20.48 -15.46
C VAL C 219 -20.28 -20.68 -13.98
N ALA C 220 -19.80 -19.64 -13.28
CA ALA C 220 -19.56 -19.75 -11.85
C ALA C 220 -20.84 -19.38 -11.10
N PHE C 221 -20.94 -19.84 -9.86
CA PHE C 221 -22.09 -19.53 -9.05
C PHE C 221 -21.74 -19.52 -7.59
N SER C 222 -22.54 -18.76 -6.84
CA SER C 222 -22.52 -18.85 -5.40
C SER C 222 -23.93 -18.68 -4.87
N LEU C 223 -24.42 -19.71 -4.20
CA LEU C 223 -25.68 -19.68 -3.52
C LEU C 223 -25.40 -19.37 -2.06
N ASN C 224 -26.17 -18.46 -1.51
CA ASN C 224 -26.02 -18.07 -0.11
C ASN C 224 -27.39 -17.89 0.52
N LEU C 225 -27.65 -18.56 1.64
CA LEU C 225 -28.98 -18.44 2.25
C LEU C 225 -28.89 -18.50 3.77
N GLU C 226 -29.96 -18.10 4.44
CA GLU C 226 -30.01 -18.24 5.89
C GLU C 226 -30.48 -19.64 6.24
N MET C 227 -29.63 -20.34 6.98
CA MET C 227 -29.99 -21.68 7.47
CA MET C 227 -29.97 -21.67 7.47
C MET C 227 -30.80 -21.57 8.76
N LYS C 228 -32.11 -21.60 8.62
CA LYS C 228 -33.01 -21.56 9.80
C LYS C 228 -33.21 -22.94 10.40
N LYS C 229 -33.63 -23.02 11.66
CA LYS C 229 -33.97 -24.30 12.28
C LYS C 229 -34.96 -25.01 11.36
N GLY C 230 -34.72 -26.28 11.10
CA GLY C 230 -35.65 -27.07 10.30
C GLY C 230 -35.48 -26.97 8.78
N ILE C 231 -34.58 -26.11 8.32
CA ILE C 231 -34.14 -26.17 6.91
C ILE C 231 -33.11 -27.29 6.78
N PRO C 232 -33.40 -28.31 5.99
CA PRO C 232 -32.43 -29.39 5.78
C PRO C 232 -31.20 -28.92 5.00
N SER C 233 -30.05 -29.52 5.28
CA SER C 233 -28.81 -29.09 4.62
C SER C 233 -28.87 -29.33 3.12
N SER C 234 -29.65 -30.33 2.69
CA SER C 234 -29.89 -30.64 1.28
C SER C 234 -30.45 -29.51 0.45
N VAL C 235 -31.07 -28.52 1.10
CA VAL C 235 -31.64 -27.38 0.39
C VAL C 235 -30.59 -26.70 -0.50
N ARG C 236 -29.35 -26.63 -0.05
CA ARG C 236 -28.33 -25.88 -0.79
C ARG C 236 -28.11 -26.43 -2.18
N LYS C 237 -27.86 -27.74 -2.29
CA LYS C 237 -27.68 -28.37 -3.62
C LYS C 237 -28.98 -28.36 -4.39
N GLU C 238 -30.09 -28.62 -3.71
CA GLU C 238 -31.38 -28.71 -4.43
C GLU C 238 -31.71 -27.39 -5.11
N ILE C 239 -31.62 -26.28 -4.36
CA ILE C 239 -31.96 -24.99 -4.92
C ILE C 239 -30.98 -24.61 -6.02
N THR C 240 -29.69 -24.87 -5.78
CA THR C 240 -28.69 -24.53 -6.78
C THR C 240 -28.96 -25.24 -8.08
N TYR C 241 -29.12 -26.56 -8.00
CA TYR C 241 -29.31 -27.34 -9.23
C TYR C 241 -30.59 -26.96 -9.93
N LYS C 242 -31.68 -26.80 -9.18
CA LYS C 242 -32.94 -26.40 -9.78
C LYS C 242 -32.83 -25.05 -10.45
N SER C 243 -32.13 -24.13 -9.79
CA SER C 243 -31.92 -22.80 -10.33
C SER C 243 -31.11 -22.84 -11.62
N LEU C 244 -30.00 -23.57 -11.59
CA LEU C 244 -29.16 -23.68 -12.78
C LEU C 244 -29.92 -24.35 -13.94
N GLU C 245 -30.77 -25.29 -13.62
CA GLU C 245 -31.67 -25.88 -14.65
C GLU C 245 -32.63 -24.83 -15.21
N GLN C 246 -33.27 -24.06 -14.32
CA GLN C 246 -34.23 -23.01 -14.76
C GLN C 246 -33.51 -22.01 -15.66
N LEU C 247 -32.22 -21.76 -15.40
CA LEU C 247 -31.45 -20.77 -16.16
C LEU C 247 -30.88 -21.33 -17.45
N GLY C 248 -31.04 -22.64 -17.63
CA GLY C 248 -30.53 -23.30 -18.83
C GLY C 248 -29.03 -23.59 -18.76
N ILE C 249 -28.46 -23.51 -17.57
CA ILE C 249 -27.04 -23.74 -17.37
C ILE C 249 -26.74 -25.24 -17.25
N LEU C 250 -27.61 -25.96 -16.52
CA LEU C 250 -27.62 -27.41 -16.50
C LEU C 250 -28.82 -27.92 -17.34
N ASP D 11 -2.58 20.24 -14.42
CA ASP D 11 -2.33 20.73 -15.81
C ASP D 11 -0.84 21.02 -16.09
N GLU D 12 -0.15 21.66 -15.13
CA GLU D 12 1.27 22.07 -15.28
C GLU D 12 2.23 20.88 -15.42
N LYS D 13 2.05 19.90 -14.54
CA LYS D 13 2.83 18.67 -14.61
C LYS D 13 2.61 18.00 -15.97
N ALA D 14 1.35 17.89 -16.38
CA ALA D 14 1.04 17.24 -17.66
C ALA D 14 1.71 18.00 -18.81
N GLU D 15 1.63 19.33 -18.78
CA GLU D 15 2.23 20.15 -19.83
C GLU D 15 3.75 19.92 -19.89
N LYS D 16 4.40 19.86 -18.73
CA LYS D 16 5.83 19.60 -18.67
C LYS D 16 6.20 18.22 -19.23
N ILE D 17 5.39 17.21 -18.92
CA ILE D 17 5.65 15.88 -19.47
C ILE D 17 5.43 15.82 -20.98
N LYS D 18 4.37 16.48 -21.46
CA LYS D 18 4.13 16.59 -22.89
C LYS D 18 5.37 17.21 -23.55
N ASN D 19 5.93 18.23 -22.91
CA ASN D 19 7.08 18.91 -23.51
C ASN D 19 8.35 18.06 -23.55
N LEU D 20 8.48 17.11 -22.63
CA LEU D 20 9.62 16.21 -22.66
C LEU D 20 9.65 15.39 -23.93
N PHE D 21 8.49 14.94 -24.36
CA PHE D 21 8.40 14.19 -25.61
C PHE D 21 8.64 15.12 -26.80
N ASN D 22 8.08 16.32 -26.76
CA ASN D 22 8.32 17.26 -27.84
C ASN D 22 9.78 17.59 -28.01
N GLU D 23 10.50 17.71 -26.89
CA GLU D 23 11.91 18.13 -26.90
C GLU D 23 12.77 17.09 -27.63
N VAL D 24 12.36 15.81 -27.59
CA VAL D 24 13.10 14.75 -28.28
C VAL D 24 12.60 14.45 -29.70
N HIS D 25 11.61 15.23 -30.14
CA HIS D 25 11.09 15.15 -31.50
C HIS D 25 10.54 13.77 -31.80
N THR D 26 9.77 13.24 -30.89
CA THR D 26 8.95 12.09 -31.23
C THR D 26 7.63 12.15 -30.51
N THR D 27 6.77 11.16 -30.75
N THR D 27 6.99 11.00 -30.47
CA THR D 27 5.53 11.06 -30.02
CA THR D 27 5.61 10.92 -30.09
C THR D 27 5.59 9.88 -29.05
C THR D 27 5.54 9.80 -29.06
N GLY D 28 4.94 10.07 -27.90
CA GLY D 28 4.93 9.05 -26.86
C GLY D 28 3.89 9.31 -25.78
N VAL D 29 3.67 8.29 -24.97
CA VAL D 29 2.81 8.34 -23.82
C VAL D 29 3.49 7.69 -22.63
N LEU D 30 3.14 8.15 -21.44
CA LEU D 30 3.49 7.51 -20.19
C LEU D 30 2.21 7.20 -19.41
N VAL D 31 1.96 5.93 -19.13
CA VAL D 31 0.79 5.52 -18.36
C VAL D 31 1.25 5.26 -16.93
N ILE D 32 0.54 5.84 -15.96
CA ILE D 32 0.80 5.66 -14.55
C ILE D 32 -0.37 4.92 -13.93
N GLN D 33 -0.09 3.93 -13.09
CA GLN D 33 -1.15 3.23 -12.38
C GLN D 33 -0.86 3.17 -10.88
N GLN D 34 -1.85 3.61 -10.12
CA GLN D 34 -1.91 3.42 -8.66
C GLN D 34 -3.27 2.85 -8.35
N GLY D 35 -3.29 1.81 -7.54
CA GLY D 35 -4.54 1.10 -7.31
C GLY D 35 -5.11 0.67 -8.64
N GLN D 36 -6.39 0.94 -8.84
CA GLN D 36 -7.07 0.53 -10.04
C GLN D 36 -7.25 1.69 -11.03
N THR D 37 -6.56 2.79 -10.81
CA THR D 37 -6.77 3.98 -11.62
C THR D 37 -5.54 4.21 -12.46
N GLN D 38 -5.69 4.56 -13.71
CA GLN D 38 -4.58 4.96 -14.56
C GLN D 38 -4.72 6.41 -15.00
N GLN D 39 -3.59 7.07 -15.18
CA GLN D 39 -3.52 8.39 -15.78
C GLN D 39 -2.51 8.29 -16.92
N SER D 40 -2.75 9.02 -18.00
CA SER D 40 -1.85 9.05 -19.14
C SER D 40 -1.27 10.45 -19.29
N TYR D 41 0.01 10.54 -19.63
CA TYR D 41 0.71 11.80 -19.87
C TYR D 41 1.51 11.67 -21.16
N GLY D 42 1.90 12.80 -21.75
CA GLY D 42 2.76 12.83 -22.93
C GLY D 42 2.15 13.63 -24.07
N ASN D 43 2.74 13.51 -25.27
CA ASN D 43 2.28 14.31 -26.36
C ASN D 43 1.47 13.54 -27.39
N ASP D 44 1.24 12.25 -27.15
CA ASP D 44 0.21 11.52 -27.90
C ASP D 44 -0.49 10.50 -27.03
N LEU D 45 -1.55 10.97 -26.38
CA LEU D 45 -2.21 10.14 -25.37
C LEU D 45 -2.90 8.94 -26.00
N ALA D 46 -3.30 9.06 -27.27
CA ALA D 46 -3.95 7.94 -27.96
C ALA D 46 -3.08 6.67 -28.06
N ARG D 47 -1.77 6.83 -27.89
CA ARG D 47 -0.89 5.66 -27.86
C ARG D 47 -1.22 4.74 -26.68
N ALA D 48 -1.81 5.28 -25.61
CA ALA D 48 -2.05 4.46 -24.42
C ALA D 48 -2.91 3.25 -24.68
N SER D 49 -3.82 3.39 -25.64
CA SER D 49 -4.77 2.32 -25.94
C SER D 49 -4.49 1.69 -27.32
N THR D 50 -3.29 1.94 -27.86
CA THR D 50 -2.88 1.39 -29.12
C THR D 50 -2.02 0.15 -28.86
N GLU D 51 -2.24 -0.89 -29.64
CA GLU D 51 -1.43 -2.12 -29.55
C GLU D 51 -0.10 -1.97 -30.29
N TYR D 52 0.97 -2.47 -29.63
CA TYR D 52 2.30 -2.52 -30.23
C TYR D 52 2.91 -3.88 -29.90
N VAL D 53 3.89 -4.29 -30.68
CA VAL D 53 4.67 -5.47 -30.27
C VAL D 53 5.33 -5.15 -28.92
N PRO D 54 5.46 -6.15 -28.05
CA PRO D 54 6.03 -5.87 -26.71
C PRO D 54 7.54 -5.77 -26.74
N ALA D 55 8.15 -6.37 -27.78
CA ALA D 55 9.58 -6.53 -27.80
C ALA D 55 10.05 -7.12 -26.47
N SER D 56 11.21 -6.68 -25.95
CA SER D 56 11.74 -7.31 -24.76
C SER D 56 10.94 -7.10 -23.47
N THR D 57 9.91 -6.25 -23.49
CA THR D 57 9.02 -6.19 -22.32
C THR D 57 8.36 -7.55 -22.10
N PHE D 58 8.29 -8.39 -23.15
CA PHE D 58 7.72 -9.74 -23.02
C PHE D 58 8.54 -10.67 -22.14
N KCX D 59 9.81 -10.35 -21.96
CA KCX D 59 10.71 -11.13 -21.11
CB KCX D 59 12.11 -10.56 -21.01
CG KCX D 59 12.94 -10.62 -22.30
CD KCX D 59 14.39 -10.27 -21.90
CE KCX D 59 15.40 -10.06 -22.98
NZ KCX D 59 15.06 -10.89 -24.06
C KCX D 59 10.11 -11.31 -19.72
O KCX D 59 10.36 -12.31 -19.08
CX KCX D 59 14.12 -10.67 -25.03
OQ1 KCX D 59 13.55 -11.76 -25.55
OQ2 KCX D 59 13.82 -9.65 -25.61
N MET D 60 9.37 -10.34 -19.23
N MET D 60 9.36 -10.32 -19.23
CA MET D 60 8.76 -10.46 -17.91
CA MET D 60 8.75 -10.47 -17.91
C MET D 60 7.88 -11.71 -17.85
C MET D 60 7.89 -11.72 -17.85
N LEU D 61 7.05 -11.89 -18.87
CA LEU D 61 6.14 -13.03 -18.87
C LEU D 61 6.81 -14.32 -19.29
N ASN D 62 7.75 -14.23 -20.21
CA ASN D 62 8.52 -15.40 -20.63
C ASN D 62 9.21 -15.99 -19.40
N ALA D 63 9.83 -15.12 -18.59
CA ALA D 63 10.51 -15.61 -17.38
C ALA D 63 9.51 -16.29 -16.40
N LEU D 64 8.37 -15.63 -16.18
CA LEU D 64 7.38 -16.24 -15.28
C LEU D 64 6.99 -17.65 -15.74
N ILE D 65 6.70 -17.77 -17.02
CA ILE D 65 6.29 -19.05 -17.57
C ILE D 65 7.38 -20.11 -17.43
N GLY D 66 8.58 -19.74 -17.81
CA GLY D 66 9.70 -20.65 -17.80
C GLY D 66 10.03 -21.13 -16.38
N LEU D 67 10.03 -20.19 -15.41
CA LEU D 67 10.30 -20.56 -14.06
C LEU D 67 9.18 -21.47 -13.51
N GLU D 68 7.94 -21.03 -13.69
CA GLU D 68 6.82 -21.73 -13.11
C GLU D 68 6.80 -23.19 -13.58
N HIS D 69 7.13 -23.39 -14.86
CA HIS D 69 7.03 -24.72 -15.44
C HIS D 69 8.35 -25.50 -15.46
N HIS D 70 9.29 -25.04 -14.63
CA HIS D 70 10.57 -25.72 -14.44
C HIS D 70 11.34 -25.92 -15.74
N LYS D 71 11.25 -24.94 -16.62
CA LYS D 71 12.05 -24.94 -17.82
C LYS D 71 13.41 -24.30 -17.64
N ALA D 72 13.57 -23.57 -16.55
CA ALA D 72 14.82 -22.94 -16.18
C ALA D 72 14.74 -22.59 -14.71
N THR D 73 15.90 -22.33 -14.13
CA THR D 73 16.00 -21.83 -12.78
C THR D 73 16.64 -20.46 -12.76
N THR D 74 16.59 -19.80 -11.61
CA THR D 74 17.21 -18.49 -11.49
C THR D 74 18.71 -18.50 -11.43
N THR D 75 19.29 -19.67 -11.11
CA THR D 75 20.76 -19.74 -10.99
C THR D 75 21.42 -20.38 -12.18
N GLU D 76 20.64 -21.00 -13.04
CA GLU D 76 21.18 -21.73 -14.20
C GLU D 76 21.96 -20.75 -15.08
N VAL D 77 23.02 -21.23 -15.68
CA VAL D 77 23.83 -20.39 -16.54
C VAL D 77 23.59 -20.75 -18.01
N PHE D 78 23.23 -19.73 -18.79
CA PHE D 78 23.13 -19.88 -20.24
C PHE D 78 24.48 -19.43 -20.81
N LYS D 79 25.37 -20.39 -21.08
CA LYS D 79 26.70 -20.06 -21.55
C LYS D 79 26.67 -19.44 -22.92
N TRP D 80 27.60 -18.53 -23.15
CA TRP D 80 27.77 -18.05 -24.52
C TRP D 80 28.53 -19.10 -25.31
N ASP D 81 28.06 -19.37 -26.52
CA ASP D 81 28.59 -20.42 -27.33
C ASP D 81 29.76 -19.94 -28.19
N GLY D 82 30.11 -18.67 -28.08
CA GLY D 82 31.18 -18.10 -28.89
C GLY D 82 30.82 -17.61 -30.27
N GLN D 83 29.56 -17.77 -30.65
CA GLN D 83 29.09 -17.22 -31.94
C GLN D 83 28.77 -15.75 -31.79
N LYS D 84 29.23 -14.97 -32.78
CA LYS D 84 29.04 -13.53 -32.76
C LYS D 84 27.53 -13.22 -32.61
N ARG D 85 27.22 -12.30 -31.70
CA ARG D 85 25.84 -11.87 -31.51
CA ARG D 85 25.85 -11.81 -31.45
C ARG D 85 25.59 -10.49 -32.10
N LEU D 86 24.33 -10.06 -32.06
CA LEU D 86 23.93 -8.81 -32.69
C LEU D 86 24.58 -7.66 -31.91
N PHE D 87 24.77 -7.86 -30.60
CA PHE D 87 25.43 -6.88 -29.77
C PHE D 87 26.52 -7.58 -28.97
N PRO D 88 27.66 -6.91 -28.77
CA PRO D 88 28.72 -7.55 -27.99
C PRO D 88 28.36 -7.74 -26.52
N GLU D 89 27.40 -6.97 -26.03
CA GLU D 89 26.91 -7.12 -24.65
C GLU D 89 26.26 -8.49 -24.39
N TRP D 90 25.83 -9.14 -25.48
CA TRP D 90 25.20 -10.41 -25.37
C TRP D 90 26.19 -11.57 -25.40
N GLU D 91 27.47 -11.25 -25.63
CA GLU D 91 28.48 -12.29 -25.78
C GLU D 91 29.15 -12.66 -24.45
N LYS D 92 28.36 -13.14 -23.54
CA LYS D 92 28.82 -13.51 -22.21
C LYS D 92 27.87 -14.57 -21.65
N ASP D 93 28.36 -15.29 -20.68
CA ASP D 93 27.53 -16.23 -19.95
C ASP D 93 26.53 -15.40 -19.10
N MET D 94 25.30 -15.90 -18.97
CA MET D 94 24.21 -15.13 -18.38
C MET D 94 23.28 -16.07 -17.64
N THR D 95 22.83 -15.61 -16.47
CA THR D 95 21.60 -16.15 -15.90
C THR D 95 20.39 -15.51 -16.60
N LEU D 96 19.19 -15.98 -16.27
CA LEU D 96 17.99 -15.31 -16.78
C LEU D 96 17.95 -13.84 -16.33
N GLY D 97 18.41 -13.58 -15.10
CA GLY D 97 18.43 -12.22 -14.58
C GLY D 97 19.42 -11.31 -15.32
N ASP D 98 20.59 -11.88 -15.58
CA ASP D 98 21.58 -11.17 -16.34
C ASP D 98 21.05 -10.84 -17.72
N ALA D 99 20.41 -11.82 -18.33
CA ALA D 99 19.86 -11.65 -19.66
C ALA D 99 18.68 -10.68 -19.71
N MET D 100 17.94 -10.63 -18.62
CA MET D 100 16.89 -9.61 -18.45
C MET D 100 17.50 -8.21 -18.53
N LYS D 101 18.53 -7.98 -17.72
CA LYS D 101 19.15 -6.67 -17.63
C LYS D 101 19.84 -6.28 -18.93
N ALA D 102 20.40 -7.26 -19.63
CA ALA D 102 21.09 -7.03 -20.90
C ALA D 102 20.15 -7.07 -22.12
N SER D 103 18.86 -7.37 -21.90
CA SER D 103 17.91 -7.60 -22.98
C SER D 103 18.44 -8.59 -24.00
N ALA D 104 19.04 -9.67 -23.52
CA ALA D 104 19.72 -10.63 -24.37
C ALA D 104 18.73 -11.60 -25.03
N ILE D 105 18.26 -11.16 -26.17
CA ILE D 105 17.27 -11.91 -26.96
C ILE D 105 17.56 -13.40 -27.11
N PRO D 106 18.80 -13.78 -27.44
CA PRO D 106 19.04 -15.22 -27.66
C PRO D 106 18.78 -16.13 -26.45
N VAL D 107 19.07 -15.65 -25.24
CA VAL D 107 18.83 -16.44 -24.04
C VAL D 107 17.34 -16.68 -23.90
N TYR D 108 16.55 -15.65 -24.16
CA TYR D 108 15.11 -15.79 -23.97
C TYR D 108 14.44 -16.51 -25.16
N GLN D 109 15.11 -16.54 -26.31
CA GLN D 109 14.67 -17.45 -27.39
C GLN D 109 14.92 -18.91 -27.03
N ASP D 110 16.05 -19.19 -26.38
CA ASP D 110 16.31 -20.53 -25.86
C ASP D 110 15.21 -20.92 -24.86
N LEU D 111 14.88 -20.00 -23.98
CA LEU D 111 13.88 -20.27 -22.97
C LEU D 111 12.53 -20.54 -23.65
N ALA D 112 12.18 -19.71 -24.62
CA ALA D 112 10.91 -19.89 -25.32
C ALA D 112 10.83 -21.26 -25.98
N ARG D 113 11.93 -21.71 -26.59
CA ARG D 113 11.92 -23.02 -27.22
CA ARG D 113 11.92 -23.02 -27.21
C ARG D 113 11.80 -24.14 -26.20
N ARG D 114 12.38 -23.96 -25.00
CA ARG D 114 12.18 -24.95 -23.94
C ARG D 114 10.71 -25.05 -23.52
N ILE D 115 10.07 -23.89 -23.37
CA ILE D 115 8.67 -23.83 -23.05
C ILE D 115 7.86 -24.52 -24.13
N GLY D 116 8.14 -24.13 -25.37
CA GLY D 116 7.47 -24.74 -26.53
C GLY D 116 6.17 -24.03 -26.86
N LEU D 117 5.74 -24.17 -28.11
CA LEU D 117 4.63 -23.40 -28.62
C LEU D 117 3.33 -23.68 -27.84
N GLU D 118 3.04 -24.95 -27.60
CA GLU D 118 1.76 -25.29 -26.97
C GLU D 118 1.64 -24.68 -25.57
N LEU D 119 2.65 -24.90 -24.74
CA LEU D 119 2.63 -24.32 -23.39
C LEU D 119 2.67 -22.80 -23.39
N MET D 120 3.48 -22.21 -24.27
CA MET D 120 3.53 -20.77 -24.37
C MET D 120 2.17 -20.19 -24.70
N SER D 121 1.53 -20.75 -25.72
CA SER D 121 0.23 -20.28 -26.14
C SER D 121 -0.81 -20.41 -25.04
N LYS D 122 -0.83 -21.57 -24.40
CA LYS D 122 -1.75 -21.80 -23.27
C LYS D 122 -1.57 -20.77 -22.16
N GLU D 123 -0.30 -20.46 -21.85
CA GLU D 123 0.00 -19.56 -20.73
C GLU D 123 -0.28 -18.11 -21.05
N VAL D 124 0.08 -17.67 -22.23
CA VAL D 124 -0.21 -16.33 -22.68
C VAL D 124 -1.72 -16.08 -22.68
N LYS D 125 -2.49 -17.08 -23.15
CA LYS D 125 -3.95 -16.94 -23.11
C LYS D 125 -4.49 -16.96 -21.68
N ARG D 126 -3.94 -17.85 -20.85
CA ARG D 126 -4.40 -17.97 -19.48
C ARG D 126 -4.27 -16.65 -18.73
N VAL D 127 -3.12 -16.02 -18.88
CA VAL D 127 -2.81 -14.73 -18.28
C VAL D 127 -3.50 -13.55 -18.97
N GLY D 128 -3.97 -13.74 -20.20
CA GLY D 128 -4.63 -12.70 -20.97
C GLY D 128 -3.72 -11.53 -21.36
N TYR D 129 -2.53 -11.85 -21.82
CA TYR D 129 -1.51 -10.85 -22.14
C TYR D 129 -1.73 -10.23 -23.49
N GLY D 130 -2.04 -8.94 -23.50
CA GLY D 130 -2.28 -8.20 -24.76
C GLY D 130 -3.36 -8.86 -25.59
N ASN D 131 -3.08 -9.07 -26.88
CA ASN D 131 -4.04 -9.78 -27.75
C ASN D 131 -3.93 -11.31 -27.65
N ALA D 132 -2.97 -11.77 -26.82
CA ALA D 132 -2.79 -13.16 -26.52
C ALA D 132 -2.62 -14.04 -27.75
N ASP D 133 -2.07 -13.47 -28.82
CA ASP D 133 -1.88 -14.22 -30.06
C ASP D 133 -0.40 -14.40 -30.32
N ILE D 134 0.11 -15.63 -30.15
CA ILE D 134 1.54 -15.88 -30.42
C ILE D 134 1.86 -16.51 -31.77
N GLY D 135 0.85 -16.89 -32.53
CA GLY D 135 1.10 -17.45 -33.86
C GLY D 135 1.86 -18.76 -33.77
N THR D 136 2.64 -19.06 -34.80
CA THR D 136 3.20 -20.39 -34.97
C THR D 136 4.69 -20.44 -34.73
N GLN D 137 5.33 -19.30 -34.52
CA GLN D 137 6.79 -19.22 -34.37
C GLN D 137 7.15 -18.85 -32.95
N VAL D 138 7.60 -19.86 -32.20
CA VAL D 138 7.74 -19.74 -30.76
C VAL D 138 8.84 -18.79 -30.33
N ASP D 139 9.80 -18.51 -31.21
CA ASP D 139 10.96 -17.76 -30.80
C ASP D 139 11.06 -16.33 -31.35
N ASN D 140 10.02 -15.79 -31.96
CA ASN D 140 10.06 -14.38 -32.32
C ASN D 140 8.70 -13.66 -32.32
N PHE D 141 7.70 -14.25 -31.68
CA PHE D 141 6.36 -13.72 -31.78
C PHE D 141 6.20 -12.38 -31.02
N TRP D 142 7.12 -12.10 -30.10
CA TRP D 142 7.10 -10.87 -29.32
C TRP D 142 7.91 -9.75 -29.97
N LEU D 143 8.58 -10.06 -31.09
CA LEU D 143 9.48 -9.12 -31.75
C LEU D 143 8.86 -8.58 -33.02
N VAL D 144 8.21 -9.46 -33.76
CA VAL D 144 7.66 -9.07 -35.06
C VAL D 144 6.17 -9.29 -35.20
N GLY D 145 5.48 -9.59 -34.11
CA GLY D 145 4.08 -9.98 -34.22
C GLY D 145 3.98 -11.50 -34.29
N PRO D 146 2.79 -12.06 -34.05
CA PRO D 146 1.54 -11.32 -34.02
C PRO D 146 1.13 -10.78 -32.65
N LEU D 147 1.93 -11.06 -31.62
CA LEU D 147 1.56 -10.64 -30.26
C LEU D 147 1.70 -9.14 -30.14
N LYS D 148 0.65 -8.50 -29.60
CA LYS D 148 0.67 -7.06 -29.37
C LYS D 148 -0.03 -6.73 -28.08
N ILE D 149 0.33 -5.58 -27.51
CA ILE D 149 -0.17 -5.18 -26.20
C ILE D 149 -0.20 -3.66 -26.15
N THR D 150 -1.13 -3.09 -25.37
CA THR D 150 -1.16 -1.64 -25.20
C THR D 150 -0.36 -1.19 -24.00
N PRO D 151 0.03 0.08 -23.99
CA PRO D 151 0.68 0.61 -22.76
C PRO D 151 -0.19 0.51 -21.51
N GLN D 152 -1.50 0.70 -21.64
CA GLN D 152 -2.39 0.53 -20.47
C GLN D 152 -2.32 -0.91 -19.95
N GLN D 153 -2.27 -1.86 -20.88
CA GLN D 153 -2.15 -3.28 -20.51
C GLN D 153 -0.83 -3.57 -19.89
N GLU D 154 0.21 -2.97 -20.40
CA GLU D 154 1.55 -3.20 -19.82
C GLU D 154 1.62 -2.62 -18.43
N ALA D 155 1.08 -1.43 -18.19
CA ALA D 155 1.10 -0.87 -16.86
C ALA D 155 0.32 -1.73 -15.85
N GLN D 156 -0.82 -2.24 -16.30
CA GLN D 156 -1.62 -3.15 -15.50
C GLN D 156 -0.86 -4.44 -15.17
N PHE D 157 -0.15 -4.99 -16.16
CA PHE D 157 0.62 -6.20 -15.97
C PHE D 157 1.72 -5.94 -14.93
N ALA D 158 2.39 -4.80 -15.06
CA ALA D 158 3.45 -4.46 -14.14
C ALA D 158 2.89 -4.28 -12.73
N TYR D 159 1.74 -3.62 -12.60
CA TYR D 159 1.16 -3.42 -11.29
C TYR D 159 0.80 -4.74 -10.63
N LYS D 160 0.27 -5.69 -11.40
CA LYS D 160 -0.03 -7.00 -10.82
C LYS D 160 1.26 -7.74 -10.44
N LEU D 161 2.28 -7.69 -11.30
CA LEU D 161 3.55 -8.32 -10.92
C LEU D 161 4.13 -7.72 -9.62
N ALA D 162 4.06 -6.40 -9.51
CA ALA D 162 4.56 -5.70 -8.32
C ALA D 162 3.84 -6.12 -7.03
N ASN D 163 2.56 -6.43 -7.17
CA ASN D 163 1.74 -6.85 -6.04
C ASN D 163 1.61 -8.37 -5.91
N LYS D 164 2.29 -9.08 -6.79
CA LYS D 164 2.24 -10.54 -6.82
C LYS D 164 0.82 -11.09 -7.02
N THR D 165 0.07 -10.43 -7.91
CA THR D 165 -1.28 -10.88 -8.17
C THR D 165 -1.50 -11.41 -9.58
N LEU D 166 -0.40 -11.59 -10.35
CA LEU D 166 -0.50 -12.34 -11.59
C LEU D 166 -0.79 -13.81 -11.26
N PRO D 167 -1.30 -14.56 -12.26
CA PRO D 167 -1.69 -15.94 -12.00
C PRO D 167 -0.49 -16.91 -12.08
N PHE D 168 0.44 -16.71 -11.17
CA PHE D 168 1.60 -17.54 -10.97
C PHE D 168 1.84 -17.67 -9.45
N SER D 169 2.68 -18.61 -9.08
CA SER D 169 3.08 -18.68 -7.70
C SER D 169 3.75 -17.39 -7.26
N PRO D 170 3.58 -16.99 -5.99
CA PRO D 170 4.28 -15.80 -5.55
C PRO D 170 5.78 -15.96 -5.55
N LYS D 171 6.31 -17.17 -5.33
CA LYS D 171 7.75 -17.33 -5.39
C LYS D 171 8.25 -16.91 -6.79
N VAL D 172 7.63 -17.45 -7.85
CA VAL D 172 8.12 -17.08 -9.19
C VAL D 172 7.96 -15.61 -9.49
N GLN D 173 6.86 -15.01 -9.01
CA GLN D 173 6.71 -13.57 -9.15
C GLN D 173 7.80 -12.77 -8.45
N ASP D 174 8.16 -13.22 -7.24
CA ASP D 174 9.24 -12.58 -6.50
CA ASP D 174 9.24 -12.57 -6.49
C ASP D 174 10.56 -12.71 -7.27
N GLU D 175 10.80 -13.89 -7.85
CA GLU D 175 12.04 -14.11 -8.61
C GLU D 175 12.15 -13.19 -9.80
N VAL D 176 11.04 -13.03 -10.51
CA VAL D 176 11.05 -12.15 -11.67
C VAL D 176 11.19 -10.68 -11.28
N GLN D 177 10.56 -10.29 -10.16
CA GLN D 177 10.77 -8.94 -9.64
C GLN D 177 12.29 -8.69 -9.43
N SER D 178 12.98 -9.63 -8.81
CA SER D 178 14.40 -9.46 -8.54
CA SER D 178 14.38 -9.41 -8.55
C SER D 178 15.19 -9.24 -9.84
N MET D 179 14.80 -9.95 -10.90
CA MET D 179 15.48 -9.80 -12.18
C MET D 179 15.30 -8.42 -12.80
N LEU D 180 14.22 -7.74 -12.42
CA LEU D 180 13.83 -6.46 -12.98
C LEU D 180 14.30 -5.27 -12.17
N PHE D 181 14.94 -5.52 -11.01
CA PHE D 181 15.43 -4.38 -10.24
C PHE D 181 16.47 -3.60 -11.04
N ILE D 182 16.26 -2.29 -11.12
CA ILE D 182 17.20 -1.41 -11.77
C ILE D 182 18.12 -0.68 -10.77
N GLU D 183 17.51 0.14 -9.91
CA GLU D 183 18.26 0.95 -8.98
C GLU D 183 17.36 1.56 -7.93
N GLU D 184 17.99 2.18 -6.92
CA GLU D 184 17.24 2.91 -5.95
C GLU D 184 17.57 4.39 -6.18
N LYS D 185 16.57 5.25 -6.17
CA LYS D 185 16.75 6.69 -6.34
C LYS D 185 15.89 7.40 -5.29
N ASN D 186 16.54 8.25 -4.50
CA ASN D 186 15.85 8.94 -3.44
C ASN D 186 15.05 8.01 -2.54
N GLY D 187 15.60 6.81 -2.31
CA GLY D 187 14.95 5.85 -1.44
C GLY D 187 13.97 4.93 -2.13
N ASN D 188 13.57 5.27 -3.36
CA ASN D 188 12.58 4.54 -4.12
C ASN D 188 13.26 3.42 -4.90
N LYS D 189 12.70 2.23 -4.86
CA LYS D 189 13.23 1.13 -5.67
C LYS D 189 12.50 1.14 -6.98
N ILE D 190 13.28 1.06 -8.05
CA ILE D 190 12.74 1.07 -9.42
C ILE D 190 13.00 -0.25 -10.07
N TYR D 191 11.92 -0.84 -10.59
CA TYR D 191 11.94 -2.09 -11.31
C TYR D 191 11.40 -1.82 -12.71
N ALA D 192 12.06 -2.32 -13.74
CA ALA D 192 11.61 -2.02 -15.09
C ALA D 192 12.19 -3.01 -16.08
N LYS D 193 11.54 -3.05 -17.25
CA LYS D 193 12.06 -3.71 -18.42
C LYS D 193 11.88 -2.78 -19.62
N SER D 194 13.01 -2.54 -20.30
CA SER D 194 12.98 -1.77 -21.54
C SER D 194 12.61 -2.66 -22.70
N GLY D 195 12.11 -2.03 -23.73
CA GLY D 195 11.91 -2.72 -25.01
C GLY D 195 12.14 -1.82 -26.17
N TRP D 196 12.53 -2.43 -27.27
CA TRP D 196 12.74 -1.70 -28.53
C TRP D 196 12.41 -2.65 -29.68
N GLY D 197 11.25 -2.44 -30.28
CA GLY D 197 10.86 -3.25 -31.42
C GLY D 197 11.43 -2.61 -32.67
N TRP D 198 12.63 -3.03 -33.07
CA TRP D 198 13.33 -2.44 -34.20
C TRP D 198 13.08 -3.16 -35.52
N ASP D 199 12.36 -4.27 -35.47
CA ASP D 199 12.06 -5.08 -36.67
C ASP D 199 10.63 -4.84 -37.14
N VAL D 200 9.96 -3.85 -36.58
CA VAL D 200 8.67 -3.35 -37.10
C VAL D 200 8.81 -1.88 -37.46
N ASP D 201 7.86 -1.40 -38.25
CA ASP D 201 7.87 -0.03 -38.73
C ASP D 201 6.47 0.56 -38.52
N PRO D 202 6.34 1.66 -37.79
CA PRO D 202 7.46 2.32 -37.12
C PRO D 202 7.98 1.55 -35.93
N GLN D 203 9.19 1.88 -35.51
CA GLN D 203 9.79 1.23 -34.37
C GLN D 203 9.13 1.70 -33.07
N VAL D 204 9.11 0.79 -32.10
CA VAL D 204 8.48 1.11 -30.82
C VAL D 204 9.52 1.01 -29.72
N GLY D 205 9.45 1.97 -28.81
CA GLY D 205 10.28 1.96 -27.60
C GLY D 205 9.42 1.89 -26.37
N TRP D 206 9.86 1.07 -25.42
CA TRP D 206 9.13 0.84 -24.16
C TRP D 206 10.04 1.06 -22.97
N LEU D 207 9.43 1.46 -21.85
CA LEU D 207 9.98 1.17 -20.52
C LEU D 207 8.82 0.94 -19.55
N THR D 208 8.67 -0.31 -19.14
CA THR D 208 7.52 -0.70 -18.30
C THR D 208 8.04 -1.21 -16.97
N GLY D 209 7.40 -0.76 -15.90
CA GLY D 209 7.90 -1.17 -14.59
C GLY D 209 7.09 -0.58 -13.48
N TRP D 210 7.74 -0.45 -12.33
CA TRP D 210 7.11 0.15 -11.16
C TRP D 210 8.12 0.68 -10.22
N VAL D 211 7.63 1.55 -9.34
CA VAL D 211 8.40 2.12 -8.21
C VAL D 211 7.79 1.64 -6.92
N VAL D 212 8.63 1.19 -6.00
CA VAL D 212 8.22 0.94 -4.64
C VAL D 212 8.80 2.06 -3.79
N GLN D 213 7.89 2.88 -3.27
CA GLN D 213 8.28 4.02 -2.43
C GLN D 213 8.66 3.56 -1.04
N PRO D 214 9.40 4.35 -0.27
CA PRO D 214 9.90 3.86 1.02
C PRO D 214 8.76 3.37 1.93
N GLN D 215 7.62 4.07 1.91
CA GLN D 215 6.51 3.65 2.74
C GLN D 215 5.84 2.37 2.28
N GLY D 216 6.19 1.93 1.09
CA GLY D 216 5.74 0.65 0.55
C GLY D 216 4.77 0.73 -0.62
N ASN D 217 4.28 1.91 -0.90
CA ASN D 217 3.33 1.95 -1.96
C ASN D 217 3.95 1.88 -3.34
N ILE D 218 3.16 1.31 -4.21
CA ILE D 218 3.56 0.96 -5.56
C ILE D 218 2.95 1.89 -6.61
N VAL D 219 3.79 2.37 -7.50
CA VAL D 219 3.32 3.12 -8.64
C VAL D 219 3.84 2.43 -9.91
N ALA D 220 2.95 1.88 -10.72
CA ALA D 220 3.37 1.21 -11.94
C ALA D 220 3.38 2.20 -13.10
N PHE D 221 4.15 1.90 -14.10
CA PHE D 221 4.26 2.77 -15.25
C PHE D 221 4.56 2.02 -16.53
N SER D 222 4.13 2.62 -17.65
CA SER D 222 4.57 2.14 -18.94
C SER D 222 4.78 3.34 -19.88
N LEU D 223 6.02 3.59 -20.26
CA LEU D 223 6.38 4.54 -21.28
C LEU D 223 6.41 3.86 -22.63
N ASN D 224 5.77 4.49 -23.61
CA ASN D 224 5.71 3.93 -24.95
C ASN D 224 5.90 5.06 -25.94
N LEU D 225 6.90 4.95 -26.82
CA LEU D 225 7.12 6.04 -27.78
C LEU D 225 7.60 5.49 -29.11
N GLU D 226 7.53 6.32 -30.15
CA GLU D 226 8.06 5.94 -31.45
C GLU D 226 9.56 6.18 -31.51
N MET D 227 10.30 5.09 -31.74
CA MET D 227 11.75 5.20 -31.90
C MET D 227 12.11 5.59 -33.34
N LYS D 228 12.28 6.88 -33.55
CA LYS D 228 12.69 7.41 -34.86
C LYS D 228 14.18 7.34 -35.05
N LYS D 229 14.65 7.42 -36.29
CA LYS D 229 16.09 7.47 -36.60
C LYS D 229 16.64 8.64 -35.81
N GLY D 230 17.78 8.43 -35.16
CA GLY D 230 18.43 9.53 -34.45
C GLY D 230 17.97 9.76 -33.01
N ILE D 231 16.88 9.14 -32.60
CA ILE D 231 16.47 9.13 -31.17
C ILE D 231 17.31 8.12 -30.43
N PRO D 232 18.12 8.57 -29.47
CA PRO D 232 18.95 7.63 -28.71
C PRO D 232 18.13 6.74 -27.80
N SER D 233 18.58 5.50 -27.61
CA SER D 233 17.85 4.56 -26.78
C SER D 233 17.74 5.06 -25.33
N SER D 234 18.68 5.89 -24.89
CA SER D 234 18.66 6.50 -23.56
C SER D 234 17.42 7.35 -23.26
N VAL D 235 16.73 7.80 -24.30
CA VAL D 235 15.53 8.62 -24.16
C VAL D 235 14.51 7.93 -23.28
N ARG D 236 14.39 6.60 -23.36
CA ARG D 236 13.30 5.91 -22.66
C ARG D 236 13.40 6.10 -21.14
N LYS D 237 14.56 5.79 -20.59
CA LYS D 237 14.85 6.00 -19.18
C LYS D 237 14.83 7.48 -18.81
N GLU D 238 15.44 8.33 -19.64
CA GLU D 238 15.51 9.78 -19.34
C GLU D 238 14.10 10.34 -19.18
N ILE D 239 13.23 10.11 -20.16
CA ILE D 239 11.90 10.69 -20.10
C ILE D 239 11.10 10.10 -18.96
N THR D 240 11.23 8.78 -18.76
CA THR D 240 10.48 8.18 -17.67
C THR D 240 10.86 8.78 -16.34
N TYR D 241 12.16 8.84 -16.08
CA TYR D 241 12.62 9.34 -14.79
C TYR D 241 12.26 10.80 -14.58
N LYS D 242 12.43 11.60 -15.62
CA LYS D 242 12.14 13.03 -15.50
C LYS D 242 10.63 13.21 -15.26
N SER D 243 9.81 12.40 -15.95
CA SER D 243 8.39 12.47 -15.76
C SER D 243 8.00 12.07 -14.34
N LEU D 244 8.50 10.93 -13.86
CA LEU D 244 8.18 10.49 -12.52
C LEU D 244 8.59 11.54 -11.47
N GLU D 245 9.71 12.22 -11.73
CA GLU D 245 10.14 13.30 -10.85
C GLU D 245 9.14 14.46 -10.88
N GLN D 246 8.68 14.83 -12.07
CA GLN D 246 7.66 15.88 -12.22
C GLN D 246 6.36 15.54 -11.49
N LEU D 247 6.04 14.26 -11.44
CA LEU D 247 4.79 13.80 -10.81
C LEU D 247 4.96 13.64 -9.30
N GLY D 248 6.17 13.81 -8.81
CA GLY D 248 6.44 13.66 -7.40
C GLY D 248 6.67 12.23 -6.94
N ILE D 249 6.85 11.33 -7.87
CA ILE D 249 7.03 9.90 -7.59
CA ILE D 249 7.05 9.94 -7.54
C ILE D 249 8.48 9.59 -7.22
N LEU D 250 9.43 10.17 -7.91
CA LEU D 250 10.86 10.04 -7.60
C LEU D 250 11.45 11.32 -7.04
C FMT E . 29.25 6.88 13.88
O1 FMT E . 28.37 7.38 13.17
O2 FMT E . 28.90 6.30 15.02
C FMT F . 14.78 34.73 13.96
O1 FMT F . 13.84 33.98 14.35
O2 FMT F . 15.60 35.35 14.83
C FMT G . 3.48 -0.33 21.51
O1 FMT G . 4.27 -0.73 20.64
O2 FMT G . 3.76 0.72 22.31
C ACT H . 24.75 35.49 -2.50
O ACT H . 24.73 34.28 -2.83
OXT ACT H . 25.45 35.91 -1.56
CH3 ACT H . 23.98 36.50 -3.30
C FMT I . -21.58 19.36 11.09
O1 FMT I . -20.51 19.59 10.55
O2 FMT I . -21.65 18.96 12.35
C FMT J . -29.85 19.85 33.36
O1 FMT J . -29.72 18.97 34.22
O2 FMT J . -29.07 20.94 33.39
C ACT K . -24.67 17.23 12.05
O ACT K . -24.18 17.01 10.92
OXT ACT K . -24.02 17.91 12.92
CH3 ACT K . -25.98 16.55 12.44
C ACT L . -11.16 -0.01 13.57
O ACT L . -11.50 -0.56 12.48
OXT ACT L . -10.17 0.78 13.65
CH3 ACT L . -12.01 -0.24 14.78
C FMT M . -19.20 -26.37 6.96
O1 FMT M . -19.11 -25.26 6.44
O2 FMT M . -18.10 -26.90 7.44
C ACT N . -24.63 -29.19 12.84
O ACT N . -23.91 -29.63 13.77
OXT ACT N . -25.28 -28.11 12.95
CH3 ACT N . -24.72 -29.96 11.56
C FMT O . 14.44 -5.17 -27.30
O1 FMT O . 13.28 -5.04 -26.99
O2 FMT O . 15.16 -6.24 -27.00
C ACT P . 18.26 -4.58 -26.68
O ACT P . 17.74 -5.72 -26.95
OXT ACT P . 17.57 -3.59 -26.31
CH3 ACT P . 19.78 -4.34 -26.71
#